data_1I74
#
_entry.id   1I74
#
_cell.length_a   75.600
_cell.length_b   95.300
_cell.length_c   95.500
_cell.angle_alpha   90.00
_cell.angle_beta   90.00
_cell.angle_gamma   90.00
#
_symmetry.space_group_name_H-M   'P 21 21 21'
#
loop_
_entity.id
_entity.type
_entity.pdbx_description
1 polymer 'PROBABLE MANGANESE-DEPENDENT INORGANIC PYROPHOSPHATASE'
2 non-polymer 'MANGANESE (II) ION'
3 non-polymer 'MAGNESIUM ION'
4 non-polymer 'SULFATE ION'
5 water water
#
_entity_poly.entity_id   1
_entity_poly.type   'polypeptide(L)'
_entity_poly.pdbx_seq_one_letter_code
;SKILVFGHQNPDSDAIGSS(MSE)AYAYLKRQLGVDAQAVALGNPNEETAFVLDYFGIQAPPVVKSAQAEGAKQVILTDH
NEFQQSIADIREVEVVEVVDHHRVANFETANPLY(MSE)RLEPVGSASSIVYRLYKENGVAIPKEIAGV(MSE)LSGLIS
DTLLLKSPTTHASDPAVAEDLAKIAGVDLQEYGLA(MSE)LKAGTNLASKTAAQLVDIDAKTFELNGSQVRVAQVNTVDI
NEVLERQNEIEEAIKASQAANGYSDFVL(MSE)ITDILNSNSEILALGNNTDKVEAAFNFTLKNNHAFLAGAVSRKKQVV
PQLTESFNG
;
_entity_poly.pdbx_strand_id   A,B
#
loop_
_chem_comp.id
_chem_comp.type
_chem_comp.name
_chem_comp.formula
MG non-polymer 'MAGNESIUM ION' 'Mg 2'
MN non-polymer 'MANGANESE (II) ION' 'Mn 2'
SO4 non-polymer 'SULFATE ION' 'O4 S -2'
#
# COMPACT_ATOMS: atom_id res chain seq x y z
N SER A 1 18.30 1.10 14.25
CA SER A 1 17.50 0.09 13.51
C SER A 1 16.22 -0.27 14.24
N LYS A 2 15.89 0.51 15.27
CA LYS A 2 14.67 0.28 16.01
C LYS A 2 13.53 0.75 15.12
N ILE A 3 12.64 -0.15 14.75
CA ILE A 3 11.53 0.26 13.90
C ILE A 3 10.42 0.88 14.74
N LEU A 4 10.08 2.14 14.43
CA LEU A 4 9.03 2.83 15.16
C LEU A 4 7.67 2.54 14.53
N VAL A 5 6.74 2.14 15.38
CA VAL A 5 5.37 1.83 14.98
C VAL A 5 4.46 2.92 15.52
N PHE A 6 3.75 3.62 14.65
CA PHE A 6 2.88 4.68 15.10
C PHE A 6 1.67 5.01 14.22
N GLY A 7 0.64 5.56 14.86
CA GLY A 7 -0.56 5.93 14.17
C GLY A 7 -0.47 7.41 13.78
N HIS A 8 -1.59 7.97 13.33
CA HIS A 8 -1.64 9.36 12.89
C HIS A 8 -1.55 10.47 13.93
N GLN A 9 -1.33 11.69 13.43
CA GLN A 9 -1.25 12.88 14.27
C GLN A 9 -2.61 12.96 14.97
N ASN A 10 -2.64 13.59 16.14
CA ASN A 10 -3.88 13.66 16.90
C ASN A 10 -4.41 12.24 17.04
N PRO A 11 -3.56 11.33 17.54
CA PRO A 11 -3.86 9.91 17.75
C PRO A 11 -5.20 9.69 18.44
N ASP A 12 -6.00 8.78 17.91
CA ASP A 12 -7.26 8.45 18.56
C ASP A 12 -7.05 7.05 19.15
N SER A 13 -8.09 6.45 19.71
CA SER A 13 -7.96 5.14 20.32
C SER A 13 -7.48 4.04 19.36
N ASP A 14 -8.03 4.01 18.16
CA ASP A 14 -7.65 3.01 17.18
C ASP A 14 -6.19 3.18 16.78
N ALA A 15 -5.77 4.42 16.58
CA ALA A 15 -4.39 4.70 16.20
C ALA A 15 -3.43 4.17 17.25
N ILE A 16 -3.67 4.52 18.51
CA ILE A 16 -2.82 4.08 19.60
C ILE A 16 -2.91 2.57 19.80
N GLY A 17 -4.14 2.06 19.89
CA GLY A 17 -4.33 0.64 20.10
C GLY A 17 -3.70 -0.22 19.03
N SER A 18 -3.96 0.11 17.77
CA SER A 18 -3.42 -0.67 16.67
C SER A 18 -1.90 -0.59 16.62
N SER A 19 -1.33 0.57 16.93
CA SER A 19 0.13 0.67 16.89
C SER A 19 0.76 -0.13 18.04
N MSE A 20 0.15 -0.07 19.22
CA MSE A 20 0.67 -0.84 20.35
C MSE A 20 0.51 -2.33 20.07
O MSE A 20 1.46 -3.10 20.23
CB MSE A 20 -0.06 -0.44 21.64
CG MSE A 20 0.39 0.88 22.21
SE MSE A 20 -0.60 1.51 23.77
CE MSE A 20 0.08 0.24 25.10
N ALA A 21 -0.68 -2.72 19.65
CA ALA A 21 -0.95 -4.12 19.36
C ALA A 21 -0.02 -4.66 18.27
N TYR A 22 0.17 -3.88 17.22
CA TYR A 22 1.03 -4.33 16.15
C TYR A 22 2.52 -4.38 16.53
N ALA A 23 2.98 -3.42 17.32
CA ALA A 23 4.37 -3.40 17.76
C ALA A 23 4.68 -4.65 18.60
N TYR A 24 3.74 -5.01 19.47
CA TYR A 24 3.90 -6.20 20.29
C TYR A 24 4.00 -7.41 19.37
N LEU A 25 3.11 -7.51 18.40
CA LEU A 25 3.12 -8.64 17.47
C LEU A 25 4.45 -8.70 16.69
N LYS A 26 4.91 -7.55 16.23
CA LYS A 26 6.15 -7.52 15.47
C LYS A 26 7.27 -8.08 16.33
N ARG A 27 7.26 -7.73 17.61
CA ARG A 27 8.27 -8.21 18.53
C ARG A 27 8.20 -9.72 18.72
N GLN A 28 6.98 -10.25 18.74
CA GLN A 28 6.78 -11.68 18.88
C GLN A 28 7.36 -12.37 17.66
N LEU A 29 7.31 -11.68 16.52
CA LEU A 29 7.84 -12.25 15.30
C LEU A 29 9.35 -12.02 15.14
N GLY A 30 9.99 -11.52 16.20
CA GLY A 30 11.43 -11.31 16.16
C GLY A 30 11.91 -9.95 15.68
N VAL A 31 11.00 -9.01 15.49
CA VAL A 31 11.41 -7.70 15.02
C VAL A 31 11.57 -6.69 16.15
N ASP A 32 12.63 -5.91 16.07
CA ASP A 32 12.94 -4.90 17.05
C ASP A 32 12.07 -3.68 16.74
N ALA A 33 10.84 -3.71 17.23
CA ALA A 33 9.90 -2.61 17.01
C ALA A 33 9.43 -2.01 18.32
N GLN A 34 9.04 -0.75 18.28
CA GLN A 34 8.54 -0.05 19.45
C GLN A 34 7.39 0.89 19.06
N ALA A 35 6.28 0.81 19.76
CA ALA A 35 5.17 1.69 19.47
C ALA A 35 5.43 3.06 20.06
N VAL A 36 5.14 4.11 19.29
CA VAL A 36 5.31 5.47 19.77
C VAL A 36 4.11 6.26 19.27
N ALA A 37 3.87 7.42 19.84
CA ALA A 37 2.73 8.23 19.41
C ALA A 37 3.18 9.60 18.95
N LEU A 38 2.41 10.17 18.04
CA LEU A 38 2.70 11.48 17.50
C LEU A 38 2.08 12.58 18.35
N GLY A 39 1.47 12.18 19.47
CA GLY A 39 0.85 13.13 20.37
C GLY A 39 0.39 12.44 21.65
N ASN A 40 -0.12 13.22 22.60
CA ASN A 40 -0.61 12.65 23.85
C ASN A 40 -1.96 11.99 23.64
N PRO A 41 -2.26 10.95 24.43
CA PRO A 41 -3.54 10.26 24.31
C PRO A 41 -4.67 11.23 24.60
N ASN A 42 -5.78 11.08 23.89
CA ASN A 42 -6.91 11.95 24.17
C ASN A 42 -7.61 11.33 25.39
N GLU A 43 -8.69 11.95 25.87
CA GLU A 43 -9.35 11.44 27.06
C GLU A 43 -9.90 10.03 26.96
N GLU A 44 -10.45 9.69 25.79
CA GLU A 44 -10.98 8.36 25.58
C GLU A 44 -9.86 7.33 25.70
N THR A 45 -8.75 7.59 25.03
CA THR A 45 -7.63 6.65 25.07
C THR A 45 -6.98 6.58 26.45
N ALA A 46 -7.00 7.69 27.17
CA ALA A 46 -6.43 7.73 28.51
C ALA A 46 -7.23 6.77 29.36
N PHE A 47 -8.55 6.78 29.17
CA PHE A 47 -9.43 5.90 29.91
C PHE A 47 -9.04 4.45 29.65
N VAL A 48 -8.81 4.12 28.39
CA VAL A 48 -8.43 2.78 28.01
C VAL A 48 -7.10 2.39 28.65
N LEU A 49 -6.09 3.23 28.46
CA LEU A 49 -4.77 2.96 28.99
C LEU A 49 -4.83 2.67 30.48
N ASP A 50 -5.53 3.54 31.20
CA ASP A 50 -5.69 3.39 32.61
C ASP A 50 -6.41 2.09 32.95
N TYR A 51 -7.51 1.82 32.26
CA TYR A 51 -8.32 0.63 32.48
C TYR A 51 -7.52 -0.66 32.48
N PHE A 52 -6.71 -0.85 31.45
CA PHE A 52 -5.93 -2.06 31.36
C PHE A 52 -4.55 -1.92 31.98
N GLY A 53 -4.36 -0.82 32.70
CA GLY A 53 -3.13 -0.55 33.41
C GLY A 53 -1.84 -0.47 32.63
N ILE A 54 -1.89 0.11 31.44
CA ILE A 54 -0.71 0.25 30.63
C ILE A 54 -0.37 1.70 30.33
N GLN A 55 0.91 1.96 30.13
CA GLN A 55 1.38 3.30 29.86
C GLN A 55 1.30 3.67 28.40
N ALA A 56 1.07 4.95 28.17
CA ALA A 56 0.96 5.49 26.84
C ALA A 56 2.32 5.43 26.15
N PRO A 57 2.32 5.25 24.82
CA PRO A 57 3.57 5.19 24.06
C PRO A 57 4.36 6.47 24.24
N PRO A 58 5.68 6.41 24.05
CA PRO A 58 6.45 7.64 24.21
C PRO A 58 6.02 8.55 23.08
N VAL A 59 5.93 9.84 23.36
CA VAL A 59 5.54 10.78 22.32
C VAL A 59 6.78 11.25 21.56
N VAL A 60 6.76 11.09 20.24
CA VAL A 60 7.89 11.52 19.43
C VAL A 60 7.36 12.51 18.41
N LYS A 61 8.26 13.23 17.76
CA LYS A 61 7.86 14.22 16.75
C LYS A 61 8.69 14.13 15.48
N SER A 62 9.84 13.47 15.55
CA SER A 62 10.69 13.34 14.37
C SER A 62 11.39 12.02 14.35
N ALA A 63 11.13 11.22 13.32
CA ALA A 63 11.76 9.90 13.21
C ALA A 63 13.27 10.05 13.28
N GLN A 64 13.80 10.94 12.45
CA GLN A 64 15.23 11.17 12.41
C GLN A 64 15.76 11.57 13.78
N ALA A 65 15.02 12.42 14.48
CA ALA A 65 15.43 12.86 15.80
C ALA A 65 15.57 11.63 16.71
N GLU A 66 14.64 10.69 16.58
CA GLU A 66 14.68 9.49 17.39
C GLU A 66 15.70 8.50 16.84
N GLY A 67 16.35 8.87 15.75
CA GLY A 67 17.35 8.01 15.16
C GLY A 67 16.79 6.76 14.51
N ALA A 68 15.63 6.90 13.89
CA ALA A 68 15.02 5.76 13.24
C ALA A 68 14.98 5.98 11.74
N LYS A 69 15.39 4.97 10.99
CA LYS A 69 15.38 5.05 9.55
C LYS A 69 14.16 4.32 8.98
N GLN A 70 13.59 3.42 9.76
CA GLN A 70 12.43 2.64 9.33
C GLN A 70 11.20 2.75 10.25
N VAL A 71 10.05 3.01 9.66
CA VAL A 71 8.81 3.14 10.40
C VAL A 71 7.69 2.26 9.86
N ILE A 72 6.73 1.94 10.71
CA ILE A 72 5.57 1.15 10.36
C ILE A 72 4.37 2.02 10.70
N LEU A 73 3.53 2.30 9.71
CA LEU A 73 2.36 3.12 9.94
C LEU A 73 1.09 2.28 10.15
N THR A 74 0.30 2.66 11.15
CA THR A 74 -0.97 1.97 11.39
C THR A 74 -2.07 3.02 11.44
N ASP A 75 -3.26 2.65 10.95
CA ASP A 75 -4.41 3.52 10.99
C ASP A 75 -4.29 4.80 10.15
N HIS A 76 -3.38 4.78 9.18
CA HIS A 76 -3.16 5.92 8.29
C HIS A 76 -2.04 5.59 7.31
N ASN A 77 -2.00 6.31 6.20
CA ASN A 77 -0.94 6.13 5.22
C ASN A 77 -0.58 7.48 4.59
N GLU A 78 -1.57 8.38 4.51
CA GLU A 78 -1.35 9.71 3.95
C GLU A 78 -0.29 10.47 4.75
N PHE A 79 0.69 11.01 4.04
CA PHE A 79 1.81 11.71 4.67
C PHE A 79 1.51 12.89 5.58
N GLN A 80 0.53 13.73 5.23
CA GLN A 80 0.21 14.87 6.08
C GLN A 80 -0.31 14.38 7.41
N GLN A 81 -0.74 13.14 7.47
CA GLN A 81 -1.26 12.59 8.72
C GLN A 81 -0.20 11.88 9.53
N SER A 82 0.97 11.64 8.95
CA SER A 82 2.05 10.93 9.64
C SER A 82 3.04 11.83 10.36
N ILE A 83 4.16 11.26 10.75
CA ILE A 83 5.20 12.00 11.45
C ILE A 83 5.76 13.10 10.51
N ALA A 84 6.17 14.22 11.09
CA ALA A 84 6.70 15.35 10.31
C ALA A 84 7.70 15.01 9.20
N ASP A 85 8.69 14.19 9.52
CA ASP A 85 9.71 13.82 8.55
C ASP A 85 9.45 12.45 7.92
N ILE A 86 8.19 12.12 7.69
CA ILE A 86 7.84 10.84 7.11
C ILE A 86 8.52 10.68 5.74
N ARG A 87 8.73 11.79 5.04
CA ARG A 87 9.35 11.75 3.73
C ARG A 87 10.84 11.39 3.77
N GLU A 88 11.44 11.54 4.95
CA GLU A 88 12.86 11.28 5.12
C GLU A 88 13.21 9.86 5.54
N VAL A 89 12.24 9.10 6.02
CA VAL A 89 12.53 7.74 6.44
C VAL A 89 11.90 6.76 5.49
N GLU A 90 12.08 5.49 5.80
CA GLU A 90 11.53 4.42 4.98
C GLU A 90 10.35 3.78 5.67
N VAL A 91 9.23 3.68 4.95
CA VAL A 91 8.04 3.04 5.49
C VAL A 91 8.14 1.57 5.12
N VAL A 92 8.41 0.72 6.11
CA VAL A 92 8.54 -0.70 5.87
C VAL A 92 7.22 -1.45 5.91
N GLU A 93 6.27 -0.96 6.68
CA GLU A 93 4.98 -1.63 6.76
C GLU A 93 3.84 -0.65 7.00
N VAL A 94 2.65 -1.06 6.60
CA VAL A 94 1.45 -0.25 6.80
C VAL A 94 0.27 -1.18 7.05
N VAL A 95 -0.47 -0.91 8.12
CA VAL A 95 -1.67 -1.68 8.43
C VAL A 95 -2.71 -0.58 8.64
N ASP A 96 -3.67 -0.50 7.73
CA ASP A 96 -4.64 0.57 7.79
C ASP A 96 -5.97 0.20 7.14
N HIS A 97 -6.99 1.01 7.38
CA HIS A 97 -8.30 0.78 6.80
C HIS A 97 -8.85 2.00 6.09
N HIS A 98 -7.96 2.87 5.61
CA HIS A 98 -8.37 4.05 4.89
C HIS A 98 -8.00 3.96 3.43
N ARG A 99 -8.54 4.88 2.64
CA ARG A 99 -8.21 4.93 1.24
C ARG A 99 -6.72 5.29 1.20
N VAL A 100 -6.07 5.05 0.07
CA VAL A 100 -4.67 5.36 -0.07
C VAL A 100 -4.49 6.61 -0.91
N ALA A 101 -3.63 7.52 -0.45
CA ALA A 101 -3.35 8.76 -1.14
C ALA A 101 -2.15 9.44 -0.49
N ASN A 102 -1.46 10.31 -1.23
CA ASN A 102 -0.31 11.02 -0.71
C ASN A 102 0.62 10.08 0.03
N PHE A 103 0.79 8.89 -0.53
CA PHE A 103 1.63 7.88 0.05
C PHE A 103 2.54 7.36 -1.04
N GLU A 104 3.82 7.17 -0.72
CA GLU A 104 4.76 6.68 -1.70
C GLU A 104 5.98 6.09 -1.02
N THR A 105 6.52 5.01 -1.58
CA THR A 105 7.71 4.39 -1.00
C THR A 105 8.73 4.21 -2.10
N ALA A 106 10.00 4.15 -1.72
CA ALA A 106 11.04 3.98 -2.71
C ALA A 106 11.24 2.50 -2.98
N ASN A 107 10.95 1.69 -1.97
CA ASN A 107 11.13 0.25 -2.06
C ASN A 107 9.89 -0.57 -1.75
N PRO A 108 9.95 -1.89 -1.99
CA PRO A 108 8.79 -2.73 -1.71
C PRO A 108 8.62 -2.68 -0.20
N LEU A 109 7.44 -3.05 0.29
CA LEU A 109 7.17 -3.06 1.71
C LEU A 109 5.99 -3.97 2.00
N TYR A 110 5.64 -4.11 3.27
CA TYR A 110 4.52 -4.93 3.65
C TYR A 110 3.32 -4.02 3.81
N MSE A 111 2.16 -4.47 3.35
CA MSE A 111 0.97 -3.67 3.46
C MSE A 111 -0.23 -4.56 3.66
O MSE A 111 -0.43 -5.51 2.93
CB MSE A 111 0.77 -2.84 2.20
CG MSE A 111 0.70 -1.35 2.42
SE MSE A 111 0.84 -0.31 0.77
CE MSE A 111 2.71 0.01 0.83
N ARG A 112 -1.00 -4.26 4.69
CA ARG A 112 -2.21 -5.01 4.96
C ARG A 112 -3.31 -3.99 5.18
N LEU A 113 -4.06 -3.73 4.13
CA LEU A 113 -5.18 -2.80 4.21
C LEU A 113 -6.45 -3.59 3.99
N GLU A 114 -7.48 -3.27 4.75
CA GLU A 114 -8.76 -3.94 4.60
C GLU A 114 -9.84 -2.89 4.81
N PRO A 115 -10.89 -2.91 3.98
CA PRO A 115 -11.96 -1.91 4.15
C PRO A 115 -12.88 -2.25 5.32
N VAL A 116 -12.31 -2.34 6.52
CA VAL A 116 -13.09 -2.67 7.71
C VAL A 116 -13.25 -1.50 8.66
N GLY A 117 -13.93 -1.78 9.78
CA GLY A 117 -14.21 -0.77 10.77
C GLY A 117 -13.07 -0.12 11.55
N SER A 118 -11.97 -0.83 11.77
CA SER A 118 -10.84 -0.25 12.49
C SER A 118 -9.53 -0.92 12.09
N ALA A 119 -8.41 -0.23 12.31
CA ALA A 119 -7.11 -0.79 11.99
C ALA A 119 -6.84 -1.89 13.01
N SER A 120 -7.37 -1.73 14.20
CA SER A 120 -7.21 -2.71 15.26
C SER A 120 -7.83 -4.03 14.84
N SER A 121 -8.92 -3.96 14.08
CA SER A 121 -9.58 -5.17 13.60
C SER A 121 -8.61 -5.96 12.72
N ILE A 122 -7.85 -5.25 11.90
CA ILE A 122 -6.90 -5.91 11.03
C ILE A 122 -5.78 -6.56 11.83
N VAL A 123 -5.20 -5.82 12.77
CA VAL A 123 -4.11 -6.35 13.58
C VAL A 123 -4.54 -7.63 14.26
N TYR A 124 -5.78 -7.65 14.71
CA TYR A 124 -6.34 -8.82 15.36
C TYR A 124 -6.18 -10.04 14.44
N ARG A 125 -6.59 -9.89 13.18
CA ARG A 125 -6.47 -11.02 12.24
C ARG A 125 -5.00 -11.42 12.06
N LEU A 126 -4.10 -10.44 12.10
CA LEU A 126 -2.69 -10.75 11.95
C LEU A 126 -2.19 -11.58 13.13
N TYR A 127 -2.73 -11.34 14.32
CA TYR A 127 -2.34 -12.15 15.47
C TYR A 127 -2.80 -13.60 15.22
N LYS A 128 -4.06 -13.73 14.85
CA LYS A 128 -4.65 -15.03 14.57
C LYS A 128 -3.91 -15.75 13.45
N GLU A 129 -3.63 -15.05 12.36
CA GLU A 129 -2.95 -15.65 11.22
C GLU A 129 -1.52 -16.09 11.55
N ASN A 130 -0.87 -15.40 12.49
CA ASN A 130 0.48 -15.76 12.87
C ASN A 130 0.50 -16.72 14.05
N GLY A 131 -0.67 -17.05 14.56
CA GLY A 131 -0.75 -17.96 15.69
C GLY A 131 -0.19 -17.38 16.98
N VAL A 132 -0.20 -16.06 17.10
CA VAL A 132 0.29 -15.38 18.29
C VAL A 132 -0.81 -15.10 19.30
N ALA A 133 -0.65 -15.60 20.51
CA ALA A 133 -1.65 -15.40 21.54
C ALA A 133 -1.75 -13.90 21.87
N ILE A 134 -2.96 -13.45 22.14
CA ILE A 134 -3.20 -12.04 22.47
C ILE A 134 -3.30 -11.81 23.98
N PRO A 135 -2.40 -10.99 24.54
CA PRO A 135 -2.39 -10.68 25.97
C PRO A 135 -3.63 -9.83 26.29
N LYS A 136 -4.09 -9.96 27.53
CA LYS A 136 -5.26 -9.25 27.99
C LYS A 136 -5.29 -7.76 27.70
N GLU A 137 -4.25 -7.05 28.10
CA GLU A 137 -4.18 -5.62 27.89
C GLU A 137 -4.14 -5.25 26.40
N ILE A 138 -3.50 -6.10 25.59
CA ILE A 138 -3.40 -5.85 24.17
C ILE A 138 -4.77 -6.02 23.54
N ALA A 139 -5.51 -7.00 24.02
CA ALA A 139 -6.86 -7.22 23.52
C ALA A 139 -7.65 -5.96 23.84
N GLY A 140 -7.46 -5.45 25.07
CA GLY A 140 -8.15 -4.26 25.51
C GLY A 140 -7.94 -3.04 24.62
N VAL A 141 -6.70 -2.72 24.28
CA VAL A 141 -6.46 -1.56 23.43
C VAL A 141 -6.97 -1.82 22.03
N MSE A 142 -6.97 -3.07 21.59
CA MSE A 142 -7.49 -3.35 20.25
C MSE A 142 -8.99 -3.21 20.28
O MSE A 142 -9.58 -2.55 19.42
CB MSE A 142 -7.08 -4.75 19.77
CG MSE A 142 -5.69 -4.81 19.13
SE MSE A 142 -5.39 -6.44 18.07
CE MSE A 142 -5.09 -7.68 19.56
N LEU A 143 -9.64 -3.85 21.25
CA LEU A 143 -11.09 -3.77 21.38
C LEU A 143 -11.51 -2.31 21.44
N SER A 144 -10.80 -1.54 22.24
CA SER A 144 -11.09 -0.12 22.42
C SER A 144 -10.98 0.63 21.10
N GLY A 145 -9.98 0.29 20.30
CA GLY A 145 -9.80 0.95 19.02
C GLY A 145 -10.99 0.70 18.12
N LEU A 146 -11.44 -0.54 18.08
CA LEU A 146 -12.59 -0.91 17.24
C LEU A 146 -13.85 -0.24 17.75
N ILE A 147 -14.08 -0.32 19.05
CA ILE A 147 -15.25 0.28 19.67
C ILE A 147 -15.27 1.76 19.35
N SER A 148 -14.11 2.40 19.49
CA SER A 148 -13.97 3.83 19.24
C SER A 148 -14.34 4.23 17.82
N ASP A 149 -13.72 3.58 16.85
CA ASP A 149 -13.97 3.88 15.45
C ASP A 149 -15.38 3.58 14.97
N THR A 150 -16.05 2.61 15.59
CA THR A 150 -17.40 2.24 15.16
C THR A 150 -18.53 2.62 16.09
N LEU A 151 -18.22 3.39 17.13
CA LEU A 151 -19.22 3.81 18.10
C LEU A 151 -19.94 2.55 18.64
N LEU A 152 -19.15 1.63 19.21
CA LEU A 152 -19.68 0.39 19.75
C LEU A 152 -20.48 -0.40 18.69
N LEU A 153 -19.91 -0.47 17.49
CA LEU A 153 -20.49 -1.21 16.37
C LEU A 153 -21.81 -0.66 15.82
N LYS A 154 -22.15 0.57 16.22
CA LYS A 154 -23.39 1.19 15.76
C LYS A 154 -23.17 2.09 14.54
N SER A 155 -21.91 2.45 14.29
CA SER A 155 -21.60 3.31 13.15
C SER A 155 -21.64 2.59 11.81
N PRO A 156 -21.97 3.34 10.74
CA PRO A 156 -22.06 2.86 9.35
C PRO A 156 -20.72 2.34 8.86
N THR A 157 -19.67 2.53 9.65
CA THR A 157 -18.35 2.05 9.25
C THR A 157 -18.16 0.62 9.72
N THR A 158 -19.04 0.17 10.59
CA THR A 158 -18.95 -1.19 11.11
C THR A 158 -19.08 -2.19 9.98
N HIS A 159 -18.06 -3.04 9.84
CA HIS A 159 -18.05 -4.06 8.82
C HIS A 159 -18.80 -5.27 9.37
N ALA A 160 -19.25 -6.14 8.49
CA ALA A 160 -19.98 -7.33 8.90
C ALA A 160 -19.16 -8.18 9.88
N SER A 161 -17.86 -8.24 9.65
CA SER A 161 -16.96 -9.03 10.47
C SER A 161 -16.53 -8.44 11.81
N ASP A 162 -16.68 -7.13 11.98
CA ASP A 162 -16.26 -6.49 13.22
C ASP A 162 -16.94 -6.99 14.50
N PRO A 163 -18.24 -7.27 14.45
CA PRO A 163 -18.89 -7.75 15.68
C PRO A 163 -18.20 -8.97 16.29
N ALA A 164 -17.88 -9.95 15.45
CA ALA A 164 -17.23 -11.17 15.93
C ALA A 164 -15.88 -10.83 16.52
N VAL A 165 -15.18 -9.91 15.87
CA VAL A 165 -13.87 -9.46 16.35
C VAL A 165 -14.08 -8.86 17.73
N ALA A 166 -14.99 -7.91 17.80
CA ALA A 166 -15.30 -7.23 19.05
C ALA A 166 -15.65 -8.22 20.15
N GLU A 167 -16.42 -9.26 19.80
CA GLU A 167 -16.82 -10.24 20.79
C GLU A 167 -15.64 -11.01 21.37
N ASP A 168 -14.78 -11.50 20.49
CA ASP A 168 -13.61 -12.26 20.93
C ASP A 168 -12.63 -11.40 21.74
N LEU A 169 -12.39 -10.16 21.30
CA LEU A 169 -11.46 -9.30 22.04
C LEU A 169 -12.00 -9.00 23.44
N ALA A 170 -13.31 -8.79 23.53
CA ALA A 170 -13.96 -8.52 24.81
C ALA A 170 -13.67 -9.67 25.76
N LYS A 171 -13.85 -10.89 25.26
CA LYS A 171 -13.61 -12.08 26.05
C LYS A 171 -12.16 -12.11 26.53
N ILE A 172 -11.23 -11.94 25.60
CA ILE A 172 -9.82 -11.95 25.95
C ILE A 172 -9.45 -10.82 26.90
N ALA A 173 -10.09 -9.67 26.73
CA ALA A 173 -9.81 -8.52 27.59
C ALA A 173 -10.48 -8.61 28.96
N GLY A 174 -11.41 -9.54 29.10
CA GLY A 174 -12.10 -9.72 30.37
C GLY A 174 -13.16 -8.67 30.66
N VAL A 175 -13.80 -8.14 29.63
CA VAL A 175 -14.83 -7.14 29.83
C VAL A 175 -16.12 -7.48 29.13
N ASP A 176 -17.20 -6.88 29.60
CA ASP A 176 -18.50 -7.05 28.97
C ASP A 176 -18.51 -5.99 27.86
N LEU A 177 -18.74 -6.42 26.63
CA LEU A 177 -18.72 -5.50 25.50
C LEU A 177 -19.51 -4.21 25.74
N GLN A 178 -20.83 -4.33 25.91
CA GLN A 178 -21.66 -3.15 26.12
C GLN A 178 -21.22 -2.30 27.31
N GLU A 179 -20.94 -2.94 28.43
CA GLU A 179 -20.54 -2.21 29.61
C GLU A 179 -19.24 -1.44 29.42
N TYR A 180 -18.19 -2.12 28.96
CA TYR A 180 -16.92 -1.46 28.73
C TYR A 180 -17.11 -0.43 27.63
N GLY A 181 -17.73 -0.84 26.54
CA GLY A 181 -17.97 0.04 25.42
C GLY A 181 -18.54 1.38 25.85
N LEU A 182 -19.68 1.33 26.54
CA LEU A 182 -20.33 2.56 26.99
C LEU A 182 -19.46 3.39 27.92
N ALA A 183 -18.75 2.75 28.82
CA ALA A 183 -17.91 3.49 29.75
C ALA A 183 -16.79 4.24 29.02
N MSE A 184 -16.14 3.56 28.08
CA MSE A 184 -15.05 4.15 27.32
C MSE A 184 -15.54 5.28 26.43
O MSE A 184 -14.94 6.35 26.40
CB MSE A 184 -14.37 3.08 26.46
CG MSE A 184 -13.17 3.59 25.70
SE MSE A 184 -12.91 2.59 24.06
CE MSE A 184 -14.21 3.54 22.95
N LEU A 185 -16.63 5.05 25.70
CA LEU A 185 -17.17 6.09 24.85
C LEU A 185 -17.48 7.33 25.70
N LYS A 186 -18.08 7.11 26.85
CA LYS A 186 -18.43 8.21 27.75
C LYS A 186 -17.18 8.98 28.19
N ALA A 187 -16.08 8.27 28.38
CA ALA A 187 -14.83 8.89 28.80
C ALA A 187 -14.37 9.95 27.80
N GLY A 188 -14.78 9.81 26.55
CA GLY A 188 -14.40 10.74 25.53
C GLY A 188 -15.24 12.01 25.52
N THR A 189 -16.33 12.01 26.28
CA THR A 189 -17.20 13.19 26.34
C THR A 189 -16.69 14.18 27.39
N ASN A 190 -15.55 13.89 27.99
CA ASN A 190 -14.96 14.78 28.97
C ASN A 190 -14.32 15.94 28.19
N LEU A 191 -15.09 16.99 27.91
CA LEU A 191 -14.62 18.13 27.15
C LEU A 191 -14.42 19.42 27.93
N ALA A 192 -15.08 19.54 29.08
CA ALA A 192 -14.98 20.75 29.89
C ALA A 192 -13.56 21.02 30.36
N SER A 193 -12.84 19.95 30.65
CA SER A 193 -11.47 20.06 31.09
C SER A 193 -10.54 20.50 29.97
N LYS A 194 -11.07 20.66 28.76
CA LYS A 194 -10.23 21.08 27.63
C LYS A 194 -10.48 22.53 27.26
N THR A 195 -9.46 23.22 26.76
CA THR A 195 -9.62 24.61 26.34
C THR A 195 -10.32 24.53 25.00
N ALA A 196 -10.80 25.66 24.50
CA ALA A 196 -11.48 25.68 23.21
C ALA A 196 -10.51 25.28 22.10
N ALA A 197 -9.28 25.77 22.19
CA ALA A 197 -8.25 25.48 21.20
C ALA A 197 -8.01 23.98 21.14
N GLN A 198 -7.82 23.37 22.30
CA GLN A 198 -7.59 21.94 22.37
C GLN A 198 -8.80 21.15 21.89
N LEU A 199 -10.00 21.62 22.25
CA LEU A 199 -11.23 20.93 21.87
C LEU A 199 -11.35 20.74 20.37
N VAL A 200 -11.13 21.80 19.60
CA VAL A 200 -11.25 21.68 18.17
C VAL A 200 -10.10 20.97 17.48
N ASP A 201 -9.08 20.58 18.24
CA ASP A 201 -7.96 19.86 17.64
C ASP A 201 -7.74 18.47 18.27
N ILE A 202 -8.73 17.99 19.00
CA ILE A 202 -8.62 16.68 19.62
C ILE A 202 -8.59 15.57 18.57
N ASP A 203 -9.55 15.62 17.66
CA ASP A 203 -9.67 14.62 16.62
C ASP A 203 -10.04 15.32 15.32
N ALA A 204 -9.03 15.88 14.66
CA ALA A 204 -9.25 16.63 13.44
C ALA A 204 -8.24 16.35 12.33
N LYS A 205 -8.73 16.33 11.09
CA LYS A 205 -7.91 16.10 9.92
C LYS A 205 -8.21 17.16 8.88
N THR A 206 -7.32 17.29 7.90
CA THR A 206 -7.52 18.28 6.85
C THR A 206 -7.81 17.60 5.53
N PHE A 207 -8.73 18.16 4.77
CA PHE A 207 -9.10 17.62 3.47
C PHE A 207 -8.98 18.67 2.37
N GLU A 208 -8.36 18.30 1.25
CA GLU A 208 -8.26 19.20 0.11
C GLU A 208 -9.53 18.95 -0.69
N LEU A 209 -10.47 19.88 -0.63
CA LEU A 209 -11.71 19.74 -1.39
C LEU A 209 -11.76 20.74 -2.53
N ASN A 210 -11.54 20.24 -3.74
CA ASN A 210 -11.54 21.06 -4.95
C ASN A 210 -10.71 22.32 -4.69
N GLY A 211 -9.50 22.13 -4.19
CA GLY A 211 -8.63 23.27 -3.94
C GLY A 211 -8.71 23.96 -2.58
N SER A 212 -9.74 23.65 -1.81
CA SER A 212 -9.90 24.27 -0.49
C SER A 212 -9.32 23.38 0.59
N GLN A 213 -8.59 23.97 1.53
CA GLN A 213 -8.03 23.22 2.64
C GLN A 213 -9.08 23.29 3.74
N VAL A 214 -9.85 22.22 3.87
CA VAL A 214 -10.95 22.15 4.84
C VAL A 214 -10.63 21.32 6.08
N ARG A 215 -10.74 21.95 7.25
CA ARG A 215 -10.49 21.26 8.53
C ARG A 215 -11.79 20.67 9.03
N VAL A 216 -11.78 19.39 9.37
CA VAL A 216 -12.97 18.75 9.90
C VAL A 216 -12.63 18.06 11.21
N ALA A 217 -13.11 18.65 12.31
CA ALA A 217 -12.86 18.11 13.63
C ALA A 217 -14.10 17.41 14.16
N GLN A 218 -13.88 16.47 15.08
CA GLN A 218 -15.00 15.77 15.67
C GLN A 218 -14.78 15.62 17.15
N VAL A 219 -15.87 15.62 17.90
CA VAL A 219 -15.83 15.41 19.33
C VAL A 219 -17.07 14.61 19.69
N ASN A 220 -16.95 13.80 20.71
CA ASN A 220 -18.08 13.02 21.19
C ASN A 220 -18.57 13.73 22.45
N THR A 221 -19.87 13.91 22.56
CA THR A 221 -20.44 14.58 23.71
C THR A 221 -21.71 13.91 24.17
N VAL A 222 -22.11 14.18 25.40
CA VAL A 222 -23.34 13.63 25.93
C VAL A 222 -24.50 14.55 25.56
N ASP A 223 -24.18 15.72 25.04
CA ASP A 223 -25.19 16.68 24.67
C ASP A 223 -24.62 17.85 23.85
N ILE A 224 -25.17 18.03 22.66
CA ILE A 224 -24.74 19.09 21.76
C ILE A 224 -24.79 20.47 22.41
N ASN A 225 -25.86 20.75 23.14
CA ASN A 225 -26.00 22.03 23.79
C ASN A 225 -24.93 22.29 24.85
N GLU A 226 -24.42 21.24 25.48
CA GLU A 226 -23.36 21.43 26.46
C GLU A 226 -22.11 21.94 25.75
N VAL A 227 -21.77 21.32 24.63
CA VAL A 227 -20.60 21.77 23.88
C VAL A 227 -20.79 23.22 23.45
N LEU A 228 -22.01 23.57 23.06
CA LEU A 228 -22.28 24.93 22.62
C LEU A 228 -22.29 25.95 23.74
N GLU A 229 -22.17 25.50 24.98
CA GLU A 229 -22.13 26.44 26.09
C GLU A 229 -20.94 27.38 25.90
N ARG A 230 -19.97 26.98 25.09
CA ARG A 230 -18.81 27.83 24.81
C ARG A 230 -18.63 28.06 23.33
N GLN A 231 -19.75 28.21 22.63
CA GLN A 231 -19.73 28.42 21.20
C GLN A 231 -18.81 29.59 20.85
N ASN A 232 -18.91 30.68 21.59
CA ASN A 232 -18.06 31.82 21.29
C ASN A 232 -16.58 31.50 21.33
N GLU A 233 -16.10 30.93 22.42
CA GLU A 233 -14.68 30.58 22.53
C GLU A 233 -14.26 29.60 21.44
N ILE A 234 -15.13 28.64 21.14
CA ILE A 234 -14.85 27.64 20.13
C ILE A 234 -14.71 28.28 18.74
N GLU A 235 -15.65 29.15 18.37
CA GLU A 235 -15.59 29.82 17.09
C GLU A 235 -14.31 30.64 17.02
N GLU A 236 -13.95 31.24 18.15
CA GLU A 236 -12.76 32.04 18.24
C GLU A 236 -11.55 31.16 18.03
N ALA A 237 -11.56 29.99 18.69
CA ALA A 237 -10.47 29.05 18.55
C ALA A 237 -10.41 28.57 17.10
N ILE A 238 -11.57 28.42 16.48
CA ILE A 238 -11.64 27.98 15.10
C ILE A 238 -11.04 29.00 14.14
N LYS A 239 -11.42 30.25 14.29
CA LYS A 239 -10.88 31.31 13.42
C LYS A 239 -9.37 31.41 13.63
N ALA A 240 -8.93 31.32 14.88
CA ALA A 240 -7.51 31.40 15.16
C ALA A 240 -6.80 30.27 14.44
N SER A 241 -7.32 29.05 14.59
CA SER A 241 -6.72 27.91 13.94
C SER A 241 -6.68 28.10 12.42
N GLN A 242 -7.77 28.62 11.87
CA GLN A 242 -7.83 28.85 10.43
C GLN A 242 -6.72 29.78 9.95
N ALA A 243 -6.45 30.81 10.73
CA ALA A 243 -5.41 31.76 10.36
C ALA A 243 -4.02 31.16 10.51
N ALA A 244 -3.80 30.44 11.61
CA ALA A 244 -2.52 29.82 11.90
C ALA A 244 -2.14 28.72 10.92
N ASN A 245 -3.11 27.95 10.47
CA ASN A 245 -2.86 26.82 9.59
C ASN A 245 -3.23 26.90 8.12
N GLY A 246 -3.82 28.02 7.69
CA GLY A 246 -4.19 28.15 6.30
C GLY A 246 -5.43 27.40 5.86
N TYR A 247 -6.46 27.34 6.72
CA TYR A 247 -7.70 26.64 6.39
C TYR A 247 -8.73 27.61 5.86
N SER A 248 -9.31 27.31 4.71
CA SER A 248 -10.34 28.18 4.13
C SER A 248 -11.65 27.91 4.84
N ASP A 249 -11.79 26.71 5.38
CA ASP A 249 -13.02 26.33 6.05
C ASP A 249 -12.73 25.40 7.21
N PHE A 250 -13.57 25.49 8.23
CA PHE A 250 -13.40 24.65 9.39
C PHE A 250 -14.77 24.10 9.77
N VAL A 251 -14.87 22.79 9.84
CA VAL A 251 -16.12 22.12 10.18
C VAL A 251 -15.96 21.38 11.50
N LEU A 252 -16.79 21.76 12.47
CA LEU A 252 -16.76 21.12 13.78
C LEU A 252 -17.97 20.20 13.86
N MSE A 253 -17.68 18.92 14.06
CA MSE A 253 -18.70 17.91 14.17
C MSE A 253 -18.89 17.58 15.65
O MSE A 253 -18.01 17.02 16.28
CB MSE A 253 -18.26 16.68 13.40
CG MSE A 253 -19.18 15.50 13.48
SE MSE A 253 -18.64 14.22 12.12
CE MSE A 253 -20.27 13.16 12.10
N ILE A 254 -20.04 17.96 16.19
CA ILE A 254 -20.36 17.72 17.58
C ILE A 254 -21.32 16.54 17.60
N THR A 255 -20.77 15.36 17.89
CA THR A 255 -21.52 14.11 17.88
C THR A 255 -22.08 13.65 19.22
N ASP A 256 -23.41 13.59 19.26
CA ASP A 256 -24.15 13.13 20.43
C ASP A 256 -24.15 11.62 20.23
N ILE A 257 -23.30 10.92 20.98
CA ILE A 257 -23.22 9.47 20.85
C ILE A 257 -24.43 8.72 21.39
N LEU A 258 -25.17 9.32 22.32
CA LEU A 258 -26.35 8.65 22.85
C LEU A 258 -27.46 8.58 21.79
N ASN A 259 -27.80 9.75 21.24
CA ASN A 259 -28.86 9.85 20.25
C ASN A 259 -28.41 9.65 18.80
N SER A 260 -27.11 9.45 18.60
CA SER A 260 -26.55 9.25 17.27
C SER A 260 -26.89 10.35 16.25
N ASN A 261 -26.68 11.60 16.68
CA ASN A 261 -26.90 12.78 15.83
C ASN A 261 -25.68 13.68 16.00
N SER A 262 -25.41 14.52 15.01
CA SER A 262 -24.29 15.44 15.11
C SER A 262 -24.70 16.85 14.73
N GLU A 263 -24.15 17.81 15.46
CA GLU A 263 -24.42 19.21 15.17
C GLU A 263 -23.24 19.66 14.33
N ILE A 264 -23.52 20.38 13.24
CA ILE A 264 -22.44 20.86 12.38
C ILE A 264 -22.23 22.36 12.58
N LEU A 265 -21.02 22.74 13.00
CA LEU A 265 -20.72 24.15 13.17
C LEU A 265 -19.61 24.41 12.17
N ALA A 266 -19.87 25.32 11.24
CA ALA A 266 -18.89 25.62 10.22
C ALA A 266 -18.67 27.11 10.05
N LEU A 267 -17.41 27.45 9.77
CA LEU A 267 -16.99 28.82 9.56
C LEU A 267 -16.01 28.83 8.38
N GLY A 268 -15.86 29.99 7.75
CA GLY A 268 -14.93 30.09 6.63
C GLY A 268 -15.52 30.64 5.34
N ASN A 269 -14.74 30.56 4.27
CA ASN A 269 -15.15 31.07 2.97
C ASN A 269 -16.32 30.41 2.31
N ASN A 270 -16.46 29.10 2.49
CA ASN A 270 -17.54 28.39 1.82
C ASN A 270 -18.61 27.74 2.69
N THR A 271 -19.05 28.45 3.72
CA THR A 271 -20.09 27.90 4.59
C THR A 271 -21.32 27.54 3.77
N ASP A 272 -21.52 28.22 2.64
CA ASP A 272 -22.66 27.94 1.79
C ASP A 272 -22.55 26.56 1.15
N LYS A 273 -21.32 26.11 0.88
CA LYS A 273 -21.13 24.79 0.30
C LYS A 273 -21.44 23.73 1.36
N VAL A 274 -21.16 24.07 2.62
CA VAL A 274 -21.42 23.17 3.73
C VAL A 274 -22.92 23.01 3.81
N GLU A 275 -23.64 24.13 3.72
CA GLU A 275 -25.09 24.11 3.76
C GLU A 275 -25.65 23.29 2.60
N ALA A 276 -24.93 23.28 1.49
CA ALA A 276 -25.34 22.55 0.30
C ALA A 276 -25.05 21.07 0.43
N ALA A 277 -23.98 20.74 1.14
CA ALA A 277 -23.61 19.35 1.30
C ALA A 277 -24.62 18.59 2.15
N PHE A 278 -25.33 19.30 3.03
CA PHE A 278 -26.30 18.67 3.90
C PHE A 278 -27.73 19.19 3.76
N ASN A 279 -27.93 20.15 2.88
CA ASN A 279 -29.27 20.71 2.66
C ASN A 279 -29.85 21.29 3.93
N PHE A 280 -29.09 22.07 4.67
CA PHE A 280 -29.64 22.68 5.86
C PHE A 280 -29.28 24.14 5.98
N THR A 281 -29.79 24.81 7.00
CA THR A 281 -29.51 26.23 7.18
C THR A 281 -28.73 26.48 8.47
N LEU A 282 -27.55 27.06 8.32
CA LEU A 282 -26.72 27.37 9.47
C LEU A 282 -27.26 28.60 10.18
N LYS A 283 -27.65 28.45 11.44
CA LYS A 283 -28.13 29.58 12.24
C LYS A 283 -27.06 29.74 13.28
N ASN A 284 -26.49 30.93 13.37
CA ASN A 284 -25.43 31.16 14.32
C ASN A 284 -24.27 30.20 14.01
N ASN A 285 -24.11 29.86 12.73
CA ASN A 285 -23.02 29.01 12.27
C ASN A 285 -23.11 27.52 12.52
N HIS A 286 -24.30 27.01 12.80
CA HIS A 286 -24.44 25.59 13.05
C HIS A 286 -25.84 25.09 12.72
N ALA A 287 -25.96 23.79 12.54
CA ALA A 287 -27.23 23.16 12.21
C ALA A 287 -27.21 21.69 12.60
N PHE A 288 -28.40 21.16 12.84
CA PHE A 288 -28.57 19.77 13.24
C PHE A 288 -28.53 18.85 12.02
N LEU A 289 -27.77 17.77 12.14
CA LEU A 289 -27.62 16.79 11.07
C LEU A 289 -27.91 15.41 11.65
N ALA A 290 -29.20 15.08 11.71
CA ALA A 290 -29.66 13.82 12.27
C ALA A 290 -28.99 12.57 11.70
N GLY A 291 -28.84 11.57 12.55
CA GLY A 291 -28.26 10.31 12.14
C GLY A 291 -26.78 10.29 11.83
N ALA A 292 -26.10 11.44 11.87
CA ALA A 292 -24.67 11.48 11.56
C ALA A 292 -23.79 11.19 12.77
N VAL A 293 -22.93 10.19 12.62
CA VAL A 293 -22.00 9.81 13.70
C VAL A 293 -20.61 9.55 13.13
N SER A 294 -20.54 9.33 11.82
CA SER A 294 -19.27 9.06 11.15
C SER A 294 -18.84 10.20 10.25
N ARG A 295 -17.64 10.72 10.51
CA ARG A 295 -17.11 11.80 9.70
C ARG A 295 -16.83 11.29 8.29
N LYS A 296 -16.08 10.20 8.18
CA LYS A 296 -15.72 9.67 6.86
C LYS A 296 -16.89 9.25 5.97
N LYS A 297 -17.97 8.77 6.57
CA LYS A 297 -19.12 8.33 5.78
C LYS A 297 -20.28 9.32 5.66
N GLN A 298 -20.53 10.08 6.73
CA GLN A 298 -21.66 11.00 6.72
C GLN A 298 -21.38 12.48 6.64
N VAL A 299 -20.12 12.87 6.50
CA VAL A 299 -19.80 14.29 6.40
C VAL A 299 -18.86 14.61 5.24
N VAL A 300 -17.65 14.05 5.27
CA VAL A 300 -16.70 14.31 4.20
C VAL A 300 -17.26 14.07 2.79
N PRO A 301 -17.92 12.92 2.57
CA PRO A 301 -18.49 12.61 1.26
C PRO A 301 -19.38 13.70 0.67
N GLN A 302 -20.27 14.25 1.47
CA GLN A 302 -21.15 15.31 0.99
C GLN A 302 -20.38 16.60 0.83
N LEU A 303 -19.39 16.82 1.69
CA LEU A 303 -18.57 18.02 1.61
C LEU A 303 -17.72 17.91 0.34
N THR A 304 -17.36 16.70 -0.01
CA THR A 304 -16.54 16.48 -1.18
C THR A 304 -17.38 16.77 -2.42
N GLU A 305 -18.58 16.23 -2.43
CA GLU A 305 -19.48 16.43 -3.54
C GLU A 305 -19.78 17.94 -3.74
N SER A 306 -20.19 18.61 -2.66
CA SER A 306 -20.51 20.04 -2.74
C SER A 306 -19.35 20.91 -3.15
N PHE A 307 -18.16 20.66 -2.61
CA PHE A 307 -17.00 21.45 -3.01
C PHE A 307 -16.61 20.96 -4.40
N ASN A 308 -17.06 19.75 -4.72
CA ASN A 308 -16.82 19.04 -5.99
C ASN A 308 -15.72 17.99 -5.92
N GLY A 309 -14.47 18.44 -5.81
CA GLY A 309 -13.35 17.49 -5.73
C GLY A 309 -12.64 17.50 -4.39
N SER B 1 -19.72 -8.05 -8.94
CA SER B 1 -20.45 -7.63 -10.17
C SER B 1 -19.50 -7.55 -11.35
N LYS B 2 -18.68 -8.57 -11.51
CA LYS B 2 -17.70 -8.63 -12.60
C LYS B 2 -16.49 -7.75 -12.27
N ILE B 3 -15.47 -8.36 -11.69
CA ILE B 3 -14.25 -7.64 -11.33
C ILE B 3 -13.16 -8.23 -12.19
N LEU B 4 -12.42 -7.39 -12.88
CA LEU B 4 -11.34 -7.88 -13.71
C LEU B 4 -10.11 -7.92 -12.81
N VAL B 5 -9.30 -8.94 -12.99
CA VAL B 5 -8.08 -9.15 -12.21
C VAL B 5 -6.94 -9.24 -13.20
N PHE B 6 -5.99 -8.34 -13.10
CA PHE B 6 -4.88 -8.36 -14.05
C PHE B 6 -3.53 -7.87 -13.58
N GLY B 7 -2.51 -8.28 -14.31
CA GLY B 7 -1.16 -7.88 -14.01
C GLY B 7 -0.87 -6.61 -14.79
N HIS B 8 0.40 -6.26 -14.90
CA HIS B 8 0.81 -5.06 -15.59
C HIS B 8 1.00 -5.23 -17.10
N GLN B 9 1.04 -4.12 -17.82
CA GLN B 9 1.26 -4.15 -19.26
C GLN B 9 2.54 -4.90 -19.50
N ASN B 10 2.69 -5.47 -20.69
CA ASN B 10 3.87 -6.25 -21.03
C ASN B 10 4.04 -7.22 -19.88
N PRO B 11 3.00 -8.02 -19.60
CA PRO B 11 3.03 -9.00 -18.50
C PRO B 11 4.13 -10.02 -18.58
N ASP B 12 4.66 -10.39 -17.43
CA ASP B 12 5.68 -11.42 -17.38
C ASP B 12 4.95 -12.64 -16.83
N SER B 13 5.67 -13.68 -16.46
CA SER B 13 5.02 -14.88 -15.93
C SER B 13 4.29 -14.56 -14.61
N ASP B 14 4.94 -13.78 -13.75
CA ASP B 14 4.34 -13.45 -12.46
C ASP B 14 3.03 -12.68 -12.62
N ALA B 15 3.01 -11.74 -13.56
CA ALA B 15 1.80 -10.95 -13.79
C ALA B 15 0.65 -11.85 -14.21
N ILE B 16 0.91 -12.74 -15.16
CA ILE B 16 -0.13 -13.64 -15.65
C ILE B 16 -0.54 -14.66 -14.57
N GLY B 17 0.44 -15.34 -14.02
CA GLY B 17 0.18 -16.34 -12.99
C GLY B 17 -0.56 -15.80 -11.78
N SER B 18 -0.09 -14.65 -11.27
CA SER B 18 -0.70 -14.05 -10.09
C SER B 18 -2.14 -13.61 -10.32
N SER B 19 -2.44 -13.10 -11.51
CA SER B 19 -3.82 -12.69 -11.75
C SER B 19 -4.75 -13.90 -11.96
N MSE B 20 -4.28 -14.91 -12.69
CA MSE B 20 -5.09 -16.11 -12.92
C MSE B 20 -5.37 -16.81 -11.59
O MSE B 20 -6.50 -17.12 -11.26
CB MSE B 20 -4.35 -17.09 -13.85
CG MSE B 20 -4.12 -16.58 -15.26
SE MSE B 20 -3.14 -17.86 -16.37
CE MSE B 20 -4.64 -19.03 -16.79
N ALA B 21 -4.30 -17.07 -10.82
CA ALA B 21 -4.44 -17.73 -9.54
C ALA B 21 -5.35 -16.95 -8.60
N TYR B 22 -5.09 -15.66 -8.47
CA TYR B 22 -5.91 -14.85 -7.58
C TYR B 22 -7.35 -14.78 -8.00
N ALA B 23 -7.60 -14.66 -9.30
CA ALA B 23 -8.97 -14.58 -9.81
C ALA B 23 -9.72 -15.85 -9.45
N TYR B 24 -9.05 -16.99 -9.61
CA TYR B 24 -9.65 -18.28 -9.27
C TYR B 24 -10.00 -18.27 -7.79
N LEU B 25 -9.07 -17.78 -6.98
CA LEU B 25 -9.29 -17.73 -5.53
C LEU B 25 -10.55 -16.94 -5.18
N LYS B 26 -10.69 -15.74 -5.74
CA LYS B 26 -11.85 -14.91 -5.45
C LYS B 26 -13.13 -15.66 -5.78
N ARG B 27 -13.13 -16.36 -6.91
CA ARG B 27 -14.32 -17.11 -7.31
C ARG B 27 -14.68 -18.16 -6.26
N GLN B 28 -13.68 -18.86 -5.73
CA GLN B 28 -13.94 -19.86 -4.71
C GLN B 28 -14.50 -19.16 -3.48
N LEU B 29 -14.22 -17.86 -3.37
CA LEU B 29 -14.72 -17.11 -2.24
C LEU B 29 -16.03 -16.38 -2.57
N GLY B 30 -16.58 -16.68 -3.73
CA GLY B 30 -17.85 -16.07 -4.11
C GLY B 30 -17.76 -14.72 -4.79
N VAL B 31 -16.57 -14.32 -5.19
CA VAL B 31 -16.45 -13.03 -5.86
C VAL B 31 -16.37 -13.27 -7.36
N ASP B 32 -17.29 -12.63 -8.10
CA ASP B 32 -17.33 -12.76 -9.55
C ASP B 32 -16.14 -12.04 -10.18
N ALA B 33 -14.97 -12.68 -10.08
CA ALA B 33 -13.73 -12.13 -10.61
C ALA B 33 -13.29 -12.89 -11.85
N GLN B 34 -12.59 -12.20 -12.73
CA GLN B 34 -12.13 -12.80 -13.99
C GLN B 34 -10.72 -12.31 -14.32
N ALA B 35 -9.83 -13.25 -14.64
CA ALA B 35 -8.47 -12.86 -14.98
C ALA B 35 -8.38 -12.38 -16.43
N VAL B 36 -7.72 -11.24 -16.62
CA VAL B 36 -7.55 -10.69 -17.95
C VAL B 36 -6.10 -10.23 -18.06
N ALA B 37 -5.63 -10.03 -19.28
CA ALA B 37 -4.26 -9.58 -19.49
C ALA B 37 -4.26 -8.28 -20.29
N LEU B 38 -3.18 -7.54 -20.18
CA LEU B 38 -3.06 -6.28 -20.89
C LEU B 38 -2.17 -6.51 -22.11
N GLY B 39 -1.70 -7.74 -22.26
CA GLY B 39 -0.85 -8.10 -23.38
C GLY B 39 -0.77 -9.60 -23.57
N ASN B 40 -0.11 -10.05 -24.64
CA ASN B 40 0.00 -11.49 -24.87
C ASN B 40 1.20 -12.00 -24.08
N PRO B 41 1.21 -13.31 -23.76
CA PRO B 41 2.31 -13.92 -23.01
C PRO B 41 3.63 -13.86 -23.75
N ASN B 42 4.75 -13.80 -23.03
CA ASN B 42 6.02 -13.80 -23.70
C ASN B 42 6.44 -15.25 -23.88
N GLU B 43 7.58 -15.47 -24.52
CA GLU B 43 8.04 -16.84 -24.75
C GLU B 43 8.06 -17.66 -23.47
N GLU B 44 8.45 -17.05 -22.37
CA GLU B 44 8.52 -17.74 -21.10
C GLU B 44 7.14 -18.18 -20.63
N THR B 45 6.20 -17.24 -20.62
CA THR B 45 4.86 -17.53 -20.18
C THR B 45 4.10 -18.47 -21.12
N ALA B 46 4.38 -18.38 -22.42
CA ALA B 46 3.72 -19.26 -23.38
C ALA B 46 4.16 -20.68 -23.04
N PHE B 47 5.44 -20.82 -22.72
CA PHE B 47 6.01 -22.10 -22.35
C PHE B 47 5.32 -22.65 -21.11
N VAL B 48 4.92 -21.76 -20.20
CA VAL B 48 4.26 -22.20 -18.97
C VAL B 48 2.83 -22.64 -19.24
N LEU B 49 2.05 -21.79 -19.88
CA LEU B 49 0.68 -22.12 -20.16
C LEU B 49 0.59 -23.45 -20.88
N ASP B 50 1.51 -23.67 -21.82
CA ASP B 50 1.51 -24.92 -22.56
C ASP B 50 1.88 -26.08 -21.65
N TYR B 51 2.93 -25.92 -20.85
CA TYR B 51 3.35 -27.00 -19.97
C TYR B 51 2.20 -27.51 -19.10
N PHE B 52 1.37 -26.60 -18.58
CA PHE B 52 0.26 -26.99 -17.74
C PHE B 52 -1.05 -26.98 -18.51
N GLY B 53 -0.91 -26.88 -19.83
CA GLY B 53 -2.05 -26.87 -20.73
C GLY B 53 -3.26 -26.09 -20.29
N ILE B 54 -3.19 -24.78 -20.40
CA ILE B 54 -4.31 -23.90 -20.06
C ILE B 54 -4.19 -22.67 -20.97
N GLN B 55 -5.33 -22.12 -21.40
CA GLN B 55 -5.31 -20.95 -22.28
C GLN B 55 -4.84 -19.72 -21.53
N ALA B 56 -4.19 -18.80 -22.24
CA ALA B 56 -3.72 -17.57 -21.62
C ALA B 56 -4.93 -16.65 -21.44
N PRO B 57 -4.91 -15.78 -20.42
CA PRO B 57 -6.04 -14.87 -20.19
C PRO B 57 -6.35 -14.06 -21.45
N PRO B 58 -7.61 -13.60 -21.58
CA PRO B 58 -7.97 -12.80 -22.76
C PRO B 58 -7.40 -11.39 -22.66
N VAL B 59 -6.71 -10.94 -23.70
CA VAL B 59 -6.16 -9.58 -23.70
C VAL B 59 -7.28 -8.57 -23.83
N VAL B 60 -7.34 -7.59 -22.91
CA VAL B 60 -8.35 -6.55 -22.97
C VAL B 60 -7.62 -5.21 -23.07
N LYS B 61 -8.38 -4.12 -23.17
CA LYS B 61 -7.79 -2.78 -23.26
C LYS B 61 -8.53 -1.74 -22.45
N SER B 62 -9.67 -2.11 -21.87
CA SER B 62 -10.41 -1.14 -21.08
C SER B 62 -11.41 -1.79 -20.17
N ALA B 63 -11.44 -1.36 -18.91
CA ALA B 63 -12.40 -1.92 -17.95
C ALA B 63 -13.82 -1.52 -18.33
N GLN B 64 -13.97 -0.27 -18.76
CA GLN B 64 -15.26 0.26 -19.15
C GLN B 64 -15.81 -0.56 -20.32
N ALA B 65 -14.90 -0.95 -21.21
CA ALA B 65 -15.24 -1.74 -22.38
C ALA B 65 -15.64 -3.18 -22.01
N GLU B 66 -14.99 -3.76 -21.01
CA GLU B 66 -15.33 -5.13 -20.63
C GLU B 66 -16.58 -5.16 -19.76
N GLY B 67 -17.15 -3.98 -19.53
CA GLY B 67 -18.36 -3.92 -18.74
C GLY B 67 -18.10 -4.08 -17.25
N ALA B 68 -16.91 -3.66 -16.82
CA ALA B 68 -16.53 -3.78 -15.42
C ALA B 68 -16.20 -2.42 -14.84
N LYS B 69 -16.64 -2.17 -13.62
CA LYS B 69 -16.39 -0.91 -12.93
C LYS B 69 -15.35 -1.09 -11.83
N GLN B 70 -15.23 -2.32 -11.33
CA GLN B 70 -14.28 -2.64 -10.28
C GLN B 70 -13.14 -3.50 -10.83
N VAL B 71 -11.94 -3.34 -10.27
CA VAL B 71 -10.79 -4.10 -10.73
C VAL B 71 -9.85 -4.45 -9.57
N ILE B 72 -9.13 -5.55 -9.73
CA ILE B 72 -8.16 -6.01 -8.76
C ILE B 72 -6.85 -6.06 -9.53
N LEU B 73 -5.80 -5.47 -8.95
CA LEU B 73 -4.50 -5.42 -9.57
C LEU B 73 -3.50 -6.33 -8.88
N THR B 74 -2.74 -7.09 -9.66
CA THR B 74 -1.72 -7.94 -9.09
C THR B 74 -0.41 -7.65 -9.80
N ASP B 75 0.69 -7.80 -9.06
CA ASP B 75 2.04 -7.61 -9.57
C ASP B 75 2.38 -6.18 -10.02
N HIS B 76 1.57 -5.22 -9.61
CA HIS B 76 1.78 -3.80 -9.91
C HIS B 76 0.73 -2.97 -9.18
N ASN B 77 0.96 -1.66 -9.11
CA ASN B 77 0.03 -0.71 -8.50
C ASN B 77 0.13 0.64 -9.21
N GLU B 78 1.30 0.95 -9.73
CA GLU B 78 1.50 2.21 -10.43
C GLU B 78 0.63 2.29 -11.69
N PHE B 79 -0.23 3.29 -11.70
CA PHE B 79 -1.16 3.50 -12.81
C PHE B 79 -0.62 3.45 -14.24
N GLN B 80 0.64 3.83 -14.47
CA GLN B 80 1.16 3.80 -15.84
C GLN B 80 1.42 2.40 -16.33
N GLN B 81 1.42 1.46 -15.41
CA GLN B 81 1.68 0.07 -15.77
C GLN B 81 0.37 -0.69 -15.82
N SER B 82 -0.72 -0.01 -15.47
CA SER B 82 -2.03 -0.62 -15.41
C SER B 82 -2.92 -0.51 -16.66
N ILE B 83 -4.22 -0.62 -16.44
CA ILE B 83 -5.18 -0.57 -17.53
C ILE B 83 -5.43 0.88 -17.93
N ALA B 84 -5.66 1.10 -19.22
CA ALA B 84 -5.88 2.43 -19.77
C ALA B 84 -6.86 3.28 -18.95
N ASP B 85 -8.01 2.73 -18.56
CA ASP B 85 -8.96 3.52 -17.80
C ASP B 85 -8.92 3.31 -16.29
N ILE B 86 -7.72 3.01 -15.80
CA ILE B 86 -7.50 2.75 -14.38
C ILE B 86 -8.02 3.84 -13.46
N ARG B 87 -7.82 5.10 -13.83
CA ARG B 87 -8.29 6.22 -13.02
C ARG B 87 -9.80 6.35 -13.07
N GLU B 88 -10.42 5.62 -13.99
CA GLU B 88 -11.88 5.70 -14.13
C GLU B 88 -12.64 4.65 -13.33
N VAL B 89 -11.97 3.57 -12.97
CA VAL B 89 -12.63 2.52 -12.22
C VAL B 89 -12.24 2.48 -10.76
N GLU B 90 -12.89 1.60 -10.00
CA GLU B 90 -12.59 1.44 -8.60
C GLU B 90 -11.62 0.27 -8.42
N VAL B 91 -10.55 0.51 -7.67
CA VAL B 91 -9.55 -0.52 -7.40
C VAL B 91 -9.98 -1.13 -6.07
N VAL B 92 -10.52 -2.35 -6.13
CA VAL B 92 -11.01 -2.99 -4.92
C VAL B 92 -9.97 -3.76 -4.14
N GLU B 93 -8.91 -4.19 -4.82
CA GLU B 93 -7.86 -4.96 -4.17
C GLU B 93 -6.56 -4.89 -4.93
N VAL B 94 -5.46 -5.01 -4.19
CA VAL B 94 -4.13 -5.00 -4.78
C VAL B 94 -3.24 -6.02 -4.07
N VAL B 95 -2.60 -6.87 -4.87
CA VAL B 95 -1.67 -7.87 -4.37
C VAL B 95 -0.41 -7.60 -5.17
N ASP B 96 0.66 -7.22 -4.48
CA ASP B 96 1.87 -6.86 -5.19
C ASP B 96 3.12 -6.95 -4.32
N HIS B 97 4.29 -6.93 -4.95
CA HIS B 97 5.54 -7.00 -4.23
C HIS B 97 6.47 -5.88 -4.67
N HIS B 98 5.87 -4.80 -5.16
CA HIS B 98 6.63 -3.63 -5.63
C HIS B 98 6.43 -2.44 -4.70
N ARG B 99 7.20 -1.39 -4.93
CA ARG B 99 7.04 -0.19 -4.14
C ARG B 99 5.75 0.48 -4.62
N VAL B 100 5.24 1.41 -3.84
CA VAL B 100 4.02 2.10 -4.18
C VAL B 100 4.31 3.52 -4.63
N ALA B 101 3.68 3.91 -5.73
CA ALA B 101 3.81 5.25 -6.31
C ALA B 101 2.77 5.38 -7.41
N ASN B 102 2.38 6.62 -7.72
CA ASN B 102 1.39 6.86 -8.77
C ASN B 102 0.18 5.95 -8.60
N PHE B 103 -0.26 5.84 -7.36
CA PHE B 103 -1.40 5.00 -7.00
C PHE B 103 -2.25 5.74 -5.98
N GLU B 104 -3.55 5.80 -6.22
CA GLU B 104 -4.45 6.48 -5.29
C GLU B 104 -5.86 5.93 -5.40
N THR B 105 -6.57 5.87 -4.28
CA THR B 105 -7.93 5.39 -4.27
C THR B 105 -8.81 6.40 -3.55
N ALA B 106 -10.06 6.48 -3.97
CA ALA B 106 -11.00 7.40 -3.35
C ALA B 106 -11.55 6.79 -2.08
N ASN B 107 -11.66 5.46 -2.07
CA ASN B 107 -12.23 4.75 -0.92
C ASN B 107 -11.29 3.68 -0.37
N PRO B 108 -11.60 3.17 0.84
CA PRO B 108 -10.77 2.13 1.46
C PRO B 108 -10.80 0.90 0.57
N LEU B 109 -9.76 0.07 0.64
CA LEU B 109 -9.69 -1.14 -0.18
C LEU B 109 -8.85 -2.21 0.51
N TYR B 110 -8.82 -3.39 -0.10
CA TYR B 110 -8.01 -4.48 0.43
C TYR B 110 -6.67 -4.43 -0.30
N MSE B 111 -5.59 -4.37 0.47
CA MSE B 111 -4.28 -4.37 -0.11
C MSE B 111 -3.39 -5.34 0.62
O MSE B 111 -3.35 -5.37 1.85
CB MSE B 111 -3.64 -2.98 -0.05
CG MSE B 111 -4.20 -2.01 -1.05
SE MSE B 111 -3.02 -0.48 -1.09
CE MSE B 111 -1.75 -1.05 -2.44
N ARG B 112 -2.67 -6.15 -0.14
CA ARG B 112 -1.77 -7.13 0.42
C ARG B 112 -0.45 -7.05 -0.34
N LEU B 113 0.47 -6.25 0.20
CA LEU B 113 1.78 -6.08 -0.39
C LEU B 113 2.79 -6.71 0.55
N GLU B 114 3.74 -7.44 0.00
CA GLU B 114 4.78 -8.05 0.81
C GLU B 114 6.05 -7.91 0.00
N PRO B 115 7.18 -7.60 0.67
CA PRO B 115 8.46 -7.41 -0.01
C PRO B 115 9.14 -8.75 -0.33
N VAL B 116 8.46 -9.57 -1.13
CA VAL B 116 8.98 -10.88 -1.49
C VAL B 116 9.27 -11.02 -2.98
N GLY B 117 9.90 -12.14 -3.32
CA GLY B 117 10.30 -12.43 -4.68
C GLY B 117 9.28 -12.29 -5.78
N SER B 118 8.02 -12.62 -5.51
CA SER B 118 6.99 -12.53 -6.53
C SER B 118 5.62 -12.29 -5.95
N ALA B 119 4.70 -11.86 -6.80
CA ALA B 119 3.34 -11.60 -6.40
C ALA B 119 2.64 -12.95 -6.21
N SER B 120 3.10 -13.93 -6.97
CA SER B 120 2.54 -15.27 -6.91
C SER B 120 2.81 -15.82 -5.52
N SER B 121 3.95 -15.45 -4.95
CA SER B 121 4.28 -15.91 -3.61
C SER B 121 3.24 -15.44 -2.60
N ILE B 122 2.78 -14.21 -2.76
CA ILE B 122 1.79 -13.64 -1.86
C ILE B 122 0.44 -14.32 -2.05
N VAL B 123 0.07 -14.57 -3.30
CA VAL B 123 -1.20 -15.22 -3.59
C VAL B 123 -1.20 -16.62 -2.96
N TYR B 124 -0.04 -17.27 -2.99
CA TYR B 124 0.14 -18.60 -2.42
C TYR B 124 -0.35 -18.59 -0.97
N ARG B 125 0.11 -17.60 -0.21
CA ARG B 125 -0.28 -17.48 1.18
C ARG B 125 -1.75 -17.13 1.30
N LEU B 126 -2.27 -16.38 0.34
CA LEU B 126 -3.68 -16.00 0.37
C LEU B 126 -4.56 -17.25 0.19
N TYR B 127 -4.08 -18.23 -0.59
CA TYR B 127 -4.83 -19.47 -0.78
C TYR B 127 -4.87 -20.23 0.53
N LYS B 128 -3.72 -20.40 1.15
CA LYS B 128 -3.64 -21.14 2.40
C LYS B 128 -4.40 -20.43 3.50
N GLU B 129 -4.27 -19.10 3.56
CA GLU B 129 -4.97 -18.30 4.56
C GLU B 129 -6.49 -18.44 4.41
N ASN B 130 -6.97 -18.67 3.19
CA ASN B 130 -8.40 -18.80 2.98
C ASN B 130 -8.90 -20.24 2.89
N GLY B 131 -8.04 -21.20 3.21
CA GLY B 131 -8.42 -22.60 3.18
C GLY B 131 -8.82 -23.17 1.82
N VAL B 132 -8.31 -22.57 0.75
CA VAL B 132 -8.63 -23.05 -0.59
C VAL B 132 -7.43 -23.84 -1.09
N ALA B 133 -7.65 -25.12 -1.34
CA ALA B 133 -6.59 -25.98 -1.83
C ALA B 133 -6.15 -25.41 -3.18
N ILE B 134 -4.85 -25.41 -3.44
CA ILE B 134 -4.38 -24.88 -4.71
C ILE B 134 -4.44 -25.95 -5.81
N PRO B 135 -5.15 -25.65 -6.91
CA PRO B 135 -5.28 -26.58 -8.04
C PRO B 135 -3.95 -26.77 -8.73
N LYS B 136 -3.71 -27.98 -9.24
CA LYS B 136 -2.45 -28.32 -9.92
C LYS B 136 -1.94 -27.28 -10.91
N GLU B 137 -2.72 -27.00 -11.94
CA GLU B 137 -2.31 -26.03 -12.97
C GLU B 137 -2.11 -24.64 -12.37
N ILE B 138 -2.93 -24.27 -11.40
CA ILE B 138 -2.79 -22.95 -10.77
C ILE B 138 -1.44 -22.90 -10.07
N ALA B 139 -1.08 -23.97 -9.36
CA ALA B 139 0.20 -24.03 -8.68
C ALA B 139 1.27 -23.87 -9.75
N GLY B 140 0.98 -24.38 -10.94
CA GLY B 140 1.92 -24.28 -12.04
C GLY B 140 2.24 -22.86 -12.46
N VAL B 141 1.22 -22.04 -12.69
CA VAL B 141 1.48 -20.68 -13.10
C VAL B 141 2.04 -19.85 -11.95
N MSE B 142 1.63 -20.19 -10.72
CA MSE B 142 2.14 -19.46 -9.57
C MSE B 142 3.63 -19.77 -9.39
O MSE B 142 4.44 -18.87 -9.19
CB MSE B 142 1.40 -19.84 -8.30
CG MSE B 142 0.10 -19.08 -8.10
SE MSE B 142 -0.44 -19.20 -6.24
CE MSE B 142 -1.51 -20.80 -6.45
N LEU B 143 3.96 -21.05 -9.47
CA LEU B 143 5.34 -21.48 -9.33
C LEU B 143 6.20 -20.80 -10.39
N SER B 144 5.64 -20.72 -11.60
CA SER B 144 6.35 -20.11 -12.72
C SER B 144 6.63 -18.65 -12.46
N GLY B 145 5.67 -17.94 -11.89
CA GLY B 145 5.85 -16.55 -11.58
C GLY B 145 7.01 -16.40 -10.62
N LEU B 146 6.99 -17.18 -9.54
CA LEU B 146 8.06 -17.10 -8.56
C LEU B 146 9.40 -17.43 -9.19
N ILE B 147 9.46 -18.52 -9.93
CA ILE B 147 10.71 -18.93 -10.56
C ILE B 147 11.18 -17.85 -11.53
N SER B 148 10.24 -17.30 -12.28
CA SER B 148 10.55 -16.24 -13.25
C SER B 148 11.11 -14.96 -12.61
N ASP B 149 10.34 -14.34 -11.72
CA ASP B 149 10.77 -13.12 -11.05
C ASP B 149 12.07 -13.24 -10.28
N THR B 150 12.36 -14.44 -9.77
CA THR B 150 13.59 -14.63 -8.98
C THR B 150 14.68 -15.45 -9.66
N LEU B 151 14.51 -15.80 -10.92
CA LEU B 151 15.52 -16.59 -11.62
C LEU B 151 15.81 -17.86 -10.81
N LEU B 152 14.77 -18.66 -10.59
CA LEU B 152 14.91 -19.88 -9.82
C LEU B 152 15.54 -19.64 -8.45
N LEU B 153 15.03 -18.65 -7.73
CA LEU B 153 15.50 -18.33 -6.38
C LEU B 153 16.97 -17.95 -6.28
N LYS B 154 17.55 -17.37 -7.32
CA LYS B 154 18.97 -17.01 -7.26
C LYS B 154 19.14 -15.52 -7.11
N SER B 155 18.15 -14.76 -7.58
CA SER B 155 18.19 -13.31 -7.51
C SER B 155 18.21 -12.72 -6.11
N PRO B 156 18.76 -11.49 -5.99
CA PRO B 156 18.85 -10.79 -4.70
C PRO B 156 17.45 -10.48 -4.20
N THR B 157 16.46 -10.58 -5.10
CA THR B 157 15.06 -10.30 -4.76
C THR B 157 14.40 -11.49 -4.09
N THR B 158 15.08 -12.63 -4.06
CA THR B 158 14.49 -13.82 -3.45
C THR B 158 14.36 -13.59 -1.95
N HIS B 159 13.15 -13.83 -1.41
CA HIS B 159 12.94 -13.66 0.01
C HIS B 159 13.20 -15.00 0.71
N ALA B 160 13.61 -14.92 1.97
CA ALA B 160 13.89 -16.11 2.78
C ALA B 160 12.77 -17.14 2.70
N SER B 161 11.53 -16.67 2.65
CA SER B 161 10.36 -17.56 2.59
C SER B 161 10.04 -18.10 1.20
N ASP B 162 10.61 -17.48 0.17
CA ASP B 162 10.35 -17.92 -1.20
C ASP B 162 10.71 -19.37 -1.55
N PRO B 163 11.87 -19.87 -1.10
CA PRO B 163 12.24 -21.25 -1.43
C PRO B 163 11.21 -22.31 -1.01
N ALA B 164 10.73 -22.23 0.23
CA ALA B 164 9.76 -23.20 0.70
C ALA B 164 8.52 -23.12 -0.15
N VAL B 165 8.14 -21.90 -0.51
CA VAL B 165 6.96 -21.69 -1.33
C VAL B 165 7.18 -22.35 -2.67
N ALA B 166 8.31 -22.05 -3.30
CA ALA B 166 8.68 -22.61 -4.59
C ALA B 166 8.64 -24.13 -4.50
N GLU B 167 9.22 -24.64 -3.43
CA GLU B 167 9.28 -26.07 -3.20
C GLU B 167 7.88 -26.68 -3.13
N ASP B 168 7.02 -26.09 -2.31
CA ASP B 168 5.66 -26.61 -2.16
C ASP B 168 4.78 -26.48 -3.40
N LEU B 169 4.97 -25.43 -4.18
CA LEU B 169 4.17 -25.25 -5.39
C LEU B 169 4.63 -26.25 -6.44
N ALA B 170 5.88 -26.66 -6.36
CA ALA B 170 6.41 -27.64 -7.31
C ALA B 170 5.74 -28.97 -7.04
N LYS B 171 5.71 -29.35 -5.76
CA LYS B 171 5.11 -30.60 -5.34
C LYS B 171 3.67 -30.65 -5.84
N ILE B 172 2.93 -29.58 -5.57
CA ILE B 172 1.53 -29.49 -5.96
C ILE B 172 1.31 -29.49 -7.48
N ALA B 173 2.19 -28.82 -8.20
CA ALA B 173 2.08 -28.73 -9.66
C ALA B 173 2.58 -30.02 -10.33
N GLY B 174 3.13 -30.91 -9.53
CA GLY B 174 3.64 -32.16 -10.05
C GLY B 174 4.95 -32.10 -10.81
N VAL B 175 5.81 -31.14 -10.48
CA VAL B 175 7.09 -31.01 -11.16
C VAL B 175 8.23 -30.97 -10.17
N ASP B 176 9.43 -31.23 -10.67
CA ASP B 176 10.65 -31.17 -9.87
C ASP B 176 11.05 -29.72 -9.99
N LEU B 177 11.32 -29.07 -8.87
CA LEU B 177 11.69 -27.66 -8.88
C LEU B 177 12.85 -27.33 -9.81
N GLN B 178 14.02 -27.89 -9.51
CA GLN B 178 15.20 -27.61 -10.32
C GLN B 178 15.07 -27.86 -11.82
N GLU B 179 14.40 -28.94 -12.22
CA GLU B 179 14.31 -29.19 -13.65
C GLU B 179 13.32 -28.30 -14.35
N TYR B 180 12.11 -28.23 -13.82
CA TYR B 180 11.09 -27.40 -14.45
C TYR B 180 11.57 -25.95 -14.55
N GLY B 181 12.24 -25.48 -13.49
CA GLY B 181 12.72 -24.13 -13.48
C GLY B 181 13.68 -23.86 -14.62
N LEU B 182 14.79 -24.61 -14.65
CA LEU B 182 15.81 -24.47 -15.68
C LEU B 182 15.12 -24.57 -17.03
N ALA B 183 14.36 -25.65 -17.21
CA ALA B 183 13.67 -25.86 -18.47
C ALA B 183 12.76 -24.68 -18.85
N MSE B 184 12.14 -24.05 -17.86
CA MSE B 184 11.23 -22.92 -18.11
C MSE B 184 12.00 -21.64 -18.39
O MSE B 184 11.64 -20.86 -19.28
CB MSE B 184 10.34 -22.68 -16.89
CG MSE B 184 9.35 -21.55 -17.08
SE MSE B 184 8.81 -20.71 -15.41
CE MSE B 184 10.46 -19.76 -15.00
N LEU B 185 13.05 -21.41 -17.63
CA LEU B 185 13.85 -20.22 -17.83
C LEU B 185 14.52 -20.27 -19.20
N LYS B 186 15.14 -21.40 -19.51
CA LYS B 186 15.82 -21.58 -20.81
C LYS B 186 14.84 -21.37 -21.94
N ALA B 187 13.62 -21.85 -21.75
CA ALA B 187 12.60 -21.72 -22.76
C ALA B 187 12.30 -20.27 -23.11
N GLY B 188 12.51 -19.35 -22.18
CA GLY B 188 12.18 -17.95 -22.46
C GLY B 188 13.23 -17.04 -23.06
N THR B 189 14.44 -17.56 -23.28
CA THR B 189 15.54 -16.78 -23.83
C THR B 189 15.54 -16.64 -25.34
N ASN B 190 14.38 -16.56 -25.98
CA ASN B 190 14.30 -16.45 -27.44
C ASN B 190 14.55 -15.06 -28.04
N LEU B 191 15.82 -14.70 -28.21
CA LEU B 191 16.16 -13.39 -28.74
C LEU B 191 16.38 -13.32 -30.26
N ALA B 192 17.06 -14.32 -30.84
CA ALA B 192 17.33 -14.33 -32.27
C ALA B 192 16.08 -14.13 -33.11
N SER B 193 14.92 -14.37 -32.52
CA SER B 193 13.71 -14.16 -33.28
C SER B 193 13.22 -12.71 -33.22
N LYS B 194 14.01 -11.81 -32.63
CA LYS B 194 13.59 -10.41 -32.53
C LYS B 194 14.65 -9.43 -33.07
N THR B 195 14.20 -8.34 -33.69
CA THR B 195 15.08 -7.32 -34.26
C THR B 195 15.83 -6.56 -33.16
N ALA B 196 17.00 -6.04 -33.52
CA ALA B 196 17.83 -5.28 -32.61
C ALA B 196 17.01 -4.23 -31.86
N ALA B 197 16.22 -3.46 -32.60
CA ALA B 197 15.40 -2.43 -31.99
C ALA B 197 14.43 -3.04 -30.99
N GLN B 198 13.98 -4.25 -31.25
CA GLN B 198 13.05 -4.93 -30.36
C GLN B 198 13.75 -5.31 -29.04
N LEU B 199 14.93 -5.91 -29.16
CA LEU B 199 15.71 -6.31 -27.99
C LEU B 199 15.94 -5.17 -27.02
N VAL B 200 16.63 -4.14 -27.49
CA VAL B 200 16.96 -2.99 -26.67
C VAL B 200 15.71 -2.36 -26.07
N ASP B 201 14.54 -2.88 -26.43
CA ASP B 201 13.29 -2.32 -25.92
C ASP B 201 12.28 -3.35 -25.39
N ILE B 202 12.71 -4.57 -25.08
CA ILE B 202 11.73 -5.51 -24.55
C ILE B 202 11.55 -5.27 -23.05
N ASP B 203 12.59 -4.77 -22.40
CA ASP B 203 12.56 -4.47 -20.97
C ASP B 203 13.59 -3.40 -20.63
N ALA B 204 13.21 -2.14 -20.87
CA ALA B 204 14.09 -1.00 -20.62
C ALA B 204 13.33 0.12 -19.90
N LYS B 205 14.08 1.03 -19.28
CA LYS B 205 13.48 2.14 -18.56
C LYS B 205 14.37 3.37 -18.75
N THR B 206 13.92 4.51 -18.24
CA THR B 206 14.67 5.76 -18.37
C THR B 206 14.85 6.41 -17.01
N PHE B 207 16.08 6.85 -16.74
CA PHE B 207 16.37 7.47 -15.46
C PHE B 207 17.07 8.82 -15.57
N GLU B 208 16.49 9.82 -14.92
CA GLU B 208 17.07 11.15 -14.92
C GLU B 208 18.18 11.15 -13.85
N LEU B 209 19.42 11.17 -14.30
CA LEU B 209 20.57 11.17 -13.40
C LEU B 209 21.32 12.50 -13.54
N ASN B 210 20.87 13.50 -12.79
CA ASN B 210 21.46 14.83 -12.84
C ASN B 210 21.54 15.32 -14.29
N GLY B 211 20.37 15.64 -14.84
CA GLY B 211 20.29 16.16 -16.20
C GLY B 211 20.43 15.19 -17.35
N SER B 212 21.00 14.02 -17.10
CA SER B 212 21.17 13.03 -18.17
C SER B 212 19.93 12.17 -18.30
N GLN B 213 19.68 11.72 -19.54
CA GLN B 213 18.55 10.86 -19.83
C GLN B 213 19.13 9.51 -20.27
N VAL B 214 19.26 8.60 -19.31
CA VAL B 214 19.83 7.28 -19.54
C VAL B 214 18.83 6.14 -19.72
N ARG B 215 18.94 5.44 -20.85
CA ARG B 215 18.08 4.29 -21.16
C ARG B 215 18.79 3.10 -20.52
N VAL B 216 18.06 2.22 -19.84
CA VAL B 216 18.69 1.04 -19.26
C VAL B 216 17.82 -0.16 -19.58
N ALA B 217 18.33 -1.01 -20.47
CA ALA B 217 17.59 -2.20 -20.91
C ALA B 217 18.13 -3.52 -20.37
N GLN B 218 17.26 -4.53 -20.38
CA GLN B 218 17.62 -5.87 -19.91
C GLN B 218 17.07 -6.98 -20.80
N VAL B 219 17.96 -7.90 -21.16
CA VAL B 219 17.58 -9.03 -22.00
C VAL B 219 18.01 -10.30 -21.30
N ASN B 220 17.10 -11.27 -21.18
CA ASN B 220 17.44 -12.53 -20.52
C ASN B 220 18.01 -13.50 -21.55
N THR B 221 19.20 -14.00 -21.28
CA THR B 221 19.83 -14.93 -22.19
C THR B 221 20.50 -16.04 -21.41
N VAL B 222 20.68 -17.17 -22.06
CA VAL B 222 21.32 -18.31 -21.44
C VAL B 222 22.80 -18.26 -21.81
N ASP B 223 23.15 -17.31 -22.65
CA ASP B 223 24.51 -17.15 -23.12
C ASP B 223 24.80 -15.76 -23.67
N ILE B 224 25.46 -14.94 -22.86
CA ILE B 224 25.81 -13.58 -23.25
C ILE B 224 26.61 -13.57 -24.56
N ASN B 225 27.68 -14.36 -24.59
CA ASN B 225 28.52 -14.45 -25.77
C ASN B 225 27.67 -14.52 -27.03
N GLU B 226 26.65 -15.37 -27.02
CA GLU B 226 25.80 -15.50 -28.21
C GLU B 226 25.13 -14.17 -28.54
N VAL B 227 24.57 -13.48 -27.56
CA VAL B 227 23.93 -12.21 -27.85
C VAL B 227 25.00 -11.25 -28.35
N LEU B 228 26.21 -11.45 -27.85
CA LEU B 228 27.32 -10.59 -28.24
C LEU B 228 27.70 -10.83 -29.69
N GLU B 229 27.09 -11.83 -30.31
CA GLU B 229 27.33 -12.12 -31.73
C GLU B 229 26.64 -11.01 -32.54
N ARG B 230 25.68 -10.32 -31.91
CA ARG B 230 24.94 -9.26 -32.59
C ARG B 230 25.31 -7.88 -32.04
N GLN B 231 26.44 -7.77 -31.35
CA GLN B 231 26.86 -6.50 -30.77
C GLN B 231 26.66 -5.28 -31.69
N ASN B 232 27.27 -5.32 -32.87
CA ASN B 232 27.17 -4.23 -33.84
C ASN B 232 25.75 -3.82 -34.17
N GLU B 233 24.95 -4.77 -34.64
CA GLU B 233 23.57 -4.48 -34.97
C GLU B 233 22.87 -3.86 -33.76
N ILE B 234 23.37 -4.18 -32.57
CA ILE B 234 22.78 -3.67 -31.33
C ILE B 234 23.18 -2.23 -31.08
N GLU B 235 24.48 -1.97 -31.06
CA GLU B 235 25.00 -0.61 -30.85
C GLU B 235 24.30 0.33 -31.85
N GLU B 236 23.93 -0.20 -33.01
CA GLU B 236 23.27 0.58 -34.03
C GLU B 236 21.85 0.90 -33.54
N ALA B 237 21.13 -0.13 -33.11
CA ALA B 237 19.78 0.08 -32.61
C ALA B 237 19.87 1.03 -31.41
N ILE B 238 20.97 0.95 -30.67
CA ILE B 238 21.15 1.80 -29.51
C ILE B 238 21.35 3.26 -29.96
N LYS B 239 22.38 3.50 -30.77
CA LYS B 239 22.68 4.85 -31.28
C LYS B 239 21.40 5.47 -31.86
N ALA B 240 20.58 4.64 -32.48
CA ALA B 240 19.34 5.08 -33.10
C ALA B 240 18.39 5.60 -32.04
N SER B 241 18.13 4.76 -31.04
CA SER B 241 17.20 5.09 -29.96
C SER B 241 17.64 6.38 -29.28
N GLN B 242 18.93 6.50 -29.00
CA GLN B 242 19.45 7.71 -28.35
C GLN B 242 19.18 8.97 -29.20
N ALA B 243 19.12 8.80 -30.51
CA ALA B 243 18.86 9.91 -31.42
C ALA B 243 17.38 10.27 -31.37
N ALA B 244 16.53 9.26 -31.49
CA ALA B 244 15.08 9.46 -31.47
C ALA B 244 14.48 9.86 -30.12
N ASN B 245 15.04 9.33 -29.03
CA ASN B 245 14.54 9.60 -27.68
C ASN B 245 15.38 10.57 -26.80
N GLY B 246 16.33 11.26 -27.41
CA GLY B 246 17.17 12.21 -26.65
C GLY B 246 18.19 11.65 -25.67
N TYR B 247 18.15 10.33 -25.47
CA TYR B 247 19.05 9.64 -24.54
C TYR B 247 20.52 10.04 -24.65
N SER B 248 21.10 10.43 -23.52
CA SER B 248 22.51 10.83 -23.50
C SER B 248 23.36 9.59 -23.24
N ASP B 249 22.75 8.57 -22.66
CA ASP B 249 23.43 7.32 -22.31
C ASP B 249 22.48 6.13 -22.42
N PHE B 250 23.00 5.02 -22.94
CA PHE B 250 22.21 3.80 -23.07
C PHE B 250 23.05 2.67 -22.47
N VAL B 251 22.46 1.97 -21.51
CA VAL B 251 23.15 0.86 -20.86
C VAL B 251 22.35 -0.39 -21.11
N LEU B 252 22.97 -1.36 -21.79
CA LEU B 252 22.26 -2.60 -22.06
C LEU B 252 22.74 -3.69 -21.11
N MSE B 253 21.79 -4.40 -20.53
CA MSE B 253 22.10 -5.50 -19.62
C MSE B 253 21.80 -6.81 -20.32
O MSE B 253 20.64 -7.13 -20.61
CB MSE B 253 21.26 -5.41 -18.35
CG MSE B 253 21.60 -4.24 -17.44
SE MSE B 253 20.43 -4.31 -15.88
CE MSE B 253 18.70 -4.07 -16.73
N ILE B 254 22.84 -7.57 -20.62
CA ILE B 254 22.67 -8.87 -21.25
C ILE B 254 22.80 -9.82 -20.06
N THR B 255 21.69 -10.02 -19.38
CA THR B 255 21.67 -10.88 -18.20
C THR B 255 21.63 -12.38 -18.48
N ASP B 256 22.70 -13.05 -18.07
CA ASP B 256 22.81 -14.50 -18.20
C ASP B 256 22.06 -15.01 -16.99
N ILE B 257 20.85 -15.51 -17.19
CA ILE B 257 20.04 -15.97 -16.08
C ILE B 257 20.41 -17.32 -15.44
N LEU B 258 21.51 -17.93 -15.88
CA LEU B 258 21.91 -19.19 -15.28
C LEU B 258 23.17 -19.05 -14.41
N ASN B 259 23.97 -18.03 -14.69
CA ASN B 259 25.17 -17.81 -13.89
C ASN B 259 25.08 -16.58 -13.01
N SER B 260 24.07 -15.75 -13.24
CA SER B 260 23.88 -14.55 -12.42
C SER B 260 24.86 -13.41 -12.71
N ASN B 261 25.19 -13.23 -13.99
CA ASN B 261 26.08 -12.15 -14.39
C ASN B 261 25.31 -11.36 -15.45
N SER B 262 25.81 -10.16 -15.75
CA SER B 262 25.21 -9.32 -16.78
C SER B 262 26.34 -8.58 -17.44
N GLU B 263 26.53 -8.78 -18.74
CA GLU B 263 27.57 -8.04 -19.43
C GLU B 263 26.93 -6.65 -19.63
N ILE B 264 27.69 -5.60 -19.38
CA ILE B 264 27.17 -4.25 -19.53
C ILE B 264 27.75 -3.58 -20.76
N LEU B 265 26.89 -3.31 -21.73
CA LEU B 265 27.27 -2.65 -22.99
C LEU B 265 26.80 -1.20 -22.88
N ALA B 266 27.71 -0.25 -23.07
CA ALA B 266 27.31 1.16 -22.96
C ALA B 266 27.89 2.08 -24.03
N LEU B 267 27.01 2.89 -24.61
CA LEU B 267 27.38 3.86 -25.62
C LEU B 267 26.79 5.20 -25.16
N GLY B 268 27.55 6.28 -25.32
CA GLY B 268 27.03 7.58 -24.91
C GLY B 268 28.07 8.55 -24.37
N ASN B 269 27.58 9.74 -23.99
CA ASN B 269 28.43 10.82 -23.48
C ASN B 269 29.08 10.47 -22.13
N ASN B 270 28.37 9.74 -21.28
CA ASN B 270 28.86 9.38 -19.96
C ASN B 270 29.12 7.88 -19.80
N THR B 271 29.96 7.34 -20.68
CA THR B 271 30.30 5.92 -20.63
C THR B 271 31.45 5.75 -19.63
N ASP B 272 31.60 6.75 -18.77
CA ASP B 272 32.62 6.76 -17.75
C ASP B 272 31.90 6.82 -16.42
N LYS B 273 30.70 7.40 -16.46
CA LYS B 273 29.83 7.49 -15.31
C LYS B 273 29.47 6.03 -14.99
N VAL B 274 29.43 5.21 -16.04
CA VAL B 274 29.11 3.80 -15.88
C VAL B 274 30.31 3.00 -15.34
N GLU B 275 31.48 3.16 -15.95
CA GLU B 275 32.66 2.44 -15.50
C GLU B 275 32.91 2.74 -14.04
N ALA B 276 32.94 4.03 -13.70
CA ALA B 276 33.14 4.45 -12.33
C ALA B 276 31.99 3.94 -11.47
N ALA B 277 30.88 3.59 -12.13
CA ALA B 277 29.71 3.08 -11.43
C ALA B 277 29.85 1.59 -11.13
N PHE B 278 30.48 0.85 -12.03
CA PHE B 278 30.65 -0.59 -11.80
C PHE B 278 32.14 -0.95 -11.69
N ASN B 279 32.94 0.07 -11.33
CA ASN B 279 34.38 -0.10 -11.16
C ASN B 279 35.04 -1.09 -12.13
N PHE B 280 34.56 -1.04 -13.37
CA PHE B 280 35.10 -1.89 -14.43
C PHE B 280 35.58 -1.01 -15.57
N THR B 281 36.03 -1.63 -16.66
CA THR B 281 36.46 -0.86 -17.82
C THR B 281 35.87 -1.42 -19.11
N LEU B 282 35.11 -0.56 -19.78
CA LEU B 282 34.47 -0.91 -21.03
C LEU B 282 35.51 -1.21 -22.10
N LYS B 283 35.80 -2.49 -22.31
CA LYS B 283 36.74 -2.87 -23.34
C LYS B 283 35.88 -3.29 -24.52
N ASN B 284 35.76 -2.39 -25.50
CA ASN B 284 34.96 -2.63 -26.72
C ASN B 284 33.53 -2.16 -26.55
N ASN B 285 33.30 -1.26 -25.59
CA ASN B 285 31.97 -0.72 -25.33
C ASN B 285 31.16 -1.55 -24.36
N HIS B 286 31.83 -2.43 -23.63
CA HIS B 286 31.15 -3.29 -22.67
C HIS B 286 32.13 -3.96 -21.70
N ALA B 287 31.62 -4.24 -20.51
CA ALA B 287 32.41 -4.89 -19.45
C ALA B 287 31.55 -5.96 -18.76
N PHE B 288 32.19 -6.77 -17.92
CA PHE B 288 31.53 -7.87 -17.20
C PHE B 288 31.04 -7.47 -15.82
N LEU B 289 29.73 -7.49 -15.59
CA LEU B 289 29.19 -7.12 -14.28
C LEU B 289 28.68 -8.32 -13.50
N ALA B 290 29.61 -9.09 -12.95
CA ALA B 290 29.29 -10.28 -12.16
C ALA B 290 28.13 -10.03 -11.20
N GLY B 291 27.45 -11.10 -10.83
CA GLY B 291 26.34 -11.00 -9.89
C GLY B 291 25.15 -10.14 -10.29
N ALA B 292 25.26 -9.39 -11.37
CA ALA B 292 24.15 -8.54 -11.78
C ALA B 292 23.01 -9.32 -12.45
N VAL B 293 21.80 -9.20 -11.91
CA VAL B 293 20.62 -9.86 -12.47
C VAL B 293 19.39 -9.02 -12.20
N SER B 294 19.56 -7.98 -11.39
CA SER B 294 18.46 -7.07 -11.06
C SER B 294 18.91 -5.65 -11.40
N ARG B 295 18.15 -4.98 -12.26
CA ARG B 295 18.50 -3.61 -12.69
C ARG B 295 18.51 -2.52 -11.60
N LYS B 296 17.45 -2.46 -10.79
CA LYS B 296 17.33 -1.44 -9.74
C LYS B 296 18.19 -1.77 -8.51
N LYS B 297 18.37 -3.06 -8.26
CA LYS B 297 19.15 -3.52 -7.11
C LYS B 297 20.63 -3.73 -7.43
N GLN B 298 21.00 -3.70 -8.69
CA GLN B 298 22.39 -3.93 -9.03
C GLN B 298 22.96 -3.08 -10.16
N VAL B 299 22.14 -2.17 -10.70
CA VAL B 299 22.57 -1.29 -11.79
C VAL B 299 22.18 0.18 -11.57
N VAL B 300 20.96 0.41 -11.07
CA VAL B 300 20.47 1.77 -10.84
C VAL B 300 21.32 2.62 -9.87
N PRO B 301 21.48 2.14 -8.63
CA PRO B 301 22.27 2.84 -7.59
C PRO B 301 23.59 3.44 -8.09
N GLN B 302 24.55 2.57 -8.41
CA GLN B 302 25.89 2.98 -8.89
C GLN B 302 25.81 4.00 -10.01
N LEU B 303 24.92 3.75 -10.97
CA LEU B 303 24.72 4.68 -12.07
C LEU B 303 24.24 5.96 -11.38
N THR B 304 23.20 5.81 -10.58
CA THR B 304 22.61 6.91 -9.83
C THR B 304 23.64 7.67 -8.97
N GLU B 305 24.67 6.95 -8.51
CA GLU B 305 25.73 7.53 -7.68
C GLU B 305 26.89 8.06 -8.52
N SER B 306 27.22 7.38 -9.61
CA SER B 306 28.32 7.83 -10.45
C SER B 306 28.00 9.16 -11.11
N PHE B 307 26.75 9.32 -11.55
CA PHE B 307 26.34 10.58 -12.15
C PHE B 307 26.18 11.55 -10.96
N ASN B 308 26.53 11.03 -9.78
CA ASN B 308 26.47 11.75 -8.49
C ASN B 308 25.05 12.05 -8.07
N GLY B 309 24.60 11.39 -7.00
CA GLY B 309 23.25 11.59 -6.49
C GLY B 309 22.20 11.43 -7.57
MN MN C . -7.72 6.82 13.84
MN MN D . -9.10 4.08 12.60
MG MG E . -12.28 8.61 13.43
S SO4 F . -13.22 9.53 10.36
O1 SO4 F . -12.87 10.50 9.30
O2 SO4 F . -12.83 8.16 9.95
O3 SO4 F . -12.52 9.89 11.62
O4 SO4 F . -14.69 9.55 10.57
S SO4 G . -9.98 7.09 11.68
O1 SO4 G . -8.69 7.47 12.27
O2 SO4 G . -10.22 7.87 10.45
O3 SO4 G . -9.94 5.64 11.38
O4 SO4 G . -11.04 7.37 12.65
MN MN H . 5.82 -8.55 -13.28
MN MN I . 6.39 -9.78 -10.09
MG MG J . 12.08 -9.46 -12.69
S SO4 K . 13.80 -4.07 -12.52
O1 SO4 K . 12.65 -4.85 -12.01
O2 SO4 K . 15.07 -4.67 -12.06
O3 SO4 K . 13.78 -4.08 -14.01
O4 SO4 K . 13.71 -2.67 -12.04
S SO4 L . 8.75 -7.54 -11.75
O1 SO4 L . 7.62 -7.08 -12.63
O2 SO4 L . 9.67 -6.38 -11.50
O3 SO4 L . 8.21 -8.05 -10.45
O4 SO4 L . 9.51 -8.62 -12.42
#